data_6SSM
#
_entry.id   6SSM
#
_cell.length_a   1.00
_cell.length_b   1.00
_cell.length_c   1.00
_cell.angle_alpha   90.00
_cell.angle_beta   90.00
_cell.angle_gamma   90.00
#
_symmetry.space_group_name_H-M   'P 1'
#
_entity_poly.entity_id   1
_entity_poly.type   'polypeptide(L)'
_entity_poly.pdbx_seq_one_letter_code
;PVTLEPMPPGEGAQEGEPPTVEARYKSFSIKMLKDMKEGVKQYGPNSPYMRTLLDSIAHGHRLIPYDWEILAKSSLSPSQ
FLQFKTWWIDGVQEQVRRNRAANPPVNIDADQLLGIGQNWSTISQQALMQNEAIEQVRAICLRAWEKIQDPGSACPSFNT
VRQGSKEPYPDFVARLQDVAQKSIADEKARKVIVELMAYENANPECQSAIKPLKGKVPAGSDVISEYVKACDGIGGAMHK
AMLMAQLE
;
_entity_poly.pdbx_strand_id   A,C,B
#
# COMPACT_ATOMS: atom_id res chain seq x y z
N PRO A 1 18.98 -13.33 16.21
CA PRO A 1 19.70 -12.36 17.06
C PRO A 1 21.20 -12.42 16.89
N VAL A 2 21.94 -11.95 17.89
CA VAL A 2 23.39 -11.92 17.83
C VAL A 2 23.94 -12.38 19.17
N THR A 3 25.03 -13.14 19.13
CA THR A 3 25.66 -13.64 20.34
C THR A 3 27.06 -13.10 20.61
N LEU A 4 28.00 -13.22 19.67
CA LEU A 4 29.38 -12.82 19.90
C LEU A 4 30.15 -12.68 18.58
N ALA A 23 29.55 -11.49 14.47
CA ALA A 23 28.12 -11.23 14.50
C ALA A 23 27.42 -11.93 13.35
N ARG A 24 26.40 -12.72 13.69
CA ARG A 24 25.65 -13.53 12.74
C ARG A 24 24.17 -13.26 12.94
N TYR A 25 23.35 -13.89 12.10
CA TYR A 25 21.91 -13.93 12.32
C TYR A 25 21.46 -15.38 12.48
N LYS A 26 20.59 -15.61 13.47
CA LYS A 26 19.96 -16.91 13.68
C LYS A 26 18.46 -16.75 13.48
N SER A 27 17.91 -17.51 12.54
CA SER A 27 16.47 -17.54 12.33
C SER A 27 15.79 -18.33 13.45
N PHE A 28 14.52 -18.01 13.68
CA PHE A 28 13.80 -18.64 14.78
C PHE A 28 13.43 -20.09 14.43
N SER A 29 13.18 -20.87 15.46
CA SER A 29 12.65 -22.21 15.26
C SER A 29 11.21 -22.12 14.79
N ILE A 30 10.81 -23.12 14.00
CA ILE A 30 9.52 -23.06 13.32
C ILE A 30 8.34 -23.21 14.27
N LYS A 31 8.52 -23.90 15.40
CA LYS A 31 7.39 -24.20 16.27
C LYS A 31 6.93 -22.97 17.03
N MET A 32 7.82 -21.98 17.17
CA MET A 32 7.46 -20.74 17.86
C MET A 32 6.40 -19.99 17.08
N LEU A 33 6.55 -19.93 15.76
CA LEU A 33 5.54 -19.31 14.93
C LEU A 33 4.24 -20.10 14.97
N LYS A 34 4.35 -21.43 15.09
CA LYS A 34 3.16 -22.28 15.11
C LYS A 34 2.32 -22.02 16.35
N ASP A 35 2.93 -22.09 17.53
CA ASP A 35 2.11 -21.89 18.72
C ASP A 35 1.77 -20.42 18.93
N MET A 36 2.54 -19.51 18.34
CA MET A 36 2.14 -18.11 18.38
C MET A 36 0.90 -17.87 17.54
N LYS A 37 0.85 -18.45 16.34
CA LYS A 37 -0.33 -18.36 15.50
C LYS A 37 -1.53 -19.02 16.16
N GLU A 38 -1.29 -20.14 16.85
CA GLU A 38 -2.32 -20.81 17.63
C GLU A 38 -2.88 -19.90 18.69
N GLY A 39 -2.01 -19.27 19.49
CA GLY A 39 -2.49 -18.47 20.60
C GLY A 39 -3.21 -17.22 20.17
N VAL A 40 -2.72 -16.56 19.10
CA VAL A 40 -3.44 -15.38 18.64
C VAL A 40 -4.75 -15.76 17.98
N LYS A 41 -4.81 -16.92 17.32
CA LYS A 41 -6.07 -17.38 16.76
C LYS A 41 -7.08 -17.70 17.84
N GLN A 42 -6.62 -18.23 18.97
CA GLN A 42 -7.57 -18.56 20.02
C GLN A 42 -8.04 -17.32 20.78
N TYR A 43 -7.11 -16.46 21.21
CA TYR A 43 -7.49 -15.41 22.16
C TYR A 43 -7.26 -14.00 21.62
N GLY A 44 -7.23 -13.81 20.31
CA GLY A 44 -7.13 -12.48 19.75
C GLY A 44 -5.75 -11.87 19.88
N PRO A 45 -5.54 -10.75 19.18
CA PRO A 45 -4.23 -10.09 19.23
C PRO A 45 -4.03 -9.23 20.45
N ASN A 46 -5.08 -8.95 21.20
CA ASN A 46 -4.98 -8.10 22.39
C ASN A 46 -5.33 -8.89 23.64
N SER A 47 -4.90 -10.12 23.68
CA SER A 47 -5.04 -10.88 24.91
C SER A 47 -4.04 -10.36 25.94
N PRO A 48 -4.37 -10.49 27.23
CA PRO A 48 -3.33 -10.27 28.25
C PRO A 48 -2.25 -11.33 28.19
N TYR A 49 -2.62 -12.50 27.69
CA TYR A 49 -1.69 -13.61 27.50
C TYR A 49 -0.61 -13.25 26.48
N MET A 50 -1.04 -12.91 25.27
CA MET A 50 -0.06 -12.73 24.21
C MET A 50 0.70 -11.43 24.33
N ARG A 51 0.17 -10.47 25.07
CA ARG A 51 0.90 -9.22 25.27
C ARG A 51 2.18 -9.46 26.05
N THR A 52 2.07 -10.13 27.20
CA THR A 52 3.28 -10.44 27.94
C THR A 52 4.11 -11.52 27.27
N LEU A 53 3.49 -12.35 26.41
CA LEU A 53 4.32 -13.21 25.57
C LEU A 53 5.20 -12.39 24.63
N LEU A 54 4.64 -11.34 24.04
CA LEU A 54 5.42 -10.45 23.20
C LEU A 54 6.50 -9.73 24.00
N ASP A 55 6.17 -9.32 25.23
CA ASP A 55 7.19 -8.67 26.06
C ASP A 55 8.31 -9.61 26.43
N SER A 56 7.97 -10.88 26.71
CA SER A 56 8.99 -11.87 27.07
C SER A 56 9.90 -12.15 25.90
N ILE A 57 9.32 -12.38 24.72
CA ILE A 57 10.15 -12.64 23.56
C ILE A 57 10.86 -11.38 23.09
N ALA A 58 10.36 -10.20 23.47
CA ALA A 58 10.99 -8.96 23.09
C ALA A 58 12.25 -8.71 23.91
N HIS A 59 12.10 -8.71 25.22
CA HIS A 59 13.26 -8.46 26.07
C HIS A 59 14.18 -9.66 26.13
N GLY A 60 13.69 -10.84 25.78
CA GLY A 60 14.52 -12.03 25.83
C GLY A 60 15.49 -12.18 24.70
N HIS A 61 15.41 -11.35 23.66
CA HIS A 61 16.28 -11.49 22.52
C HIS A 61 16.60 -10.13 21.93
N ARG A 62 17.62 -10.10 21.09
CA ARG A 62 18.08 -8.88 20.42
C ARG A 62 17.56 -8.92 18.99
N LEU A 63 16.60 -8.06 18.68
CA LEU A 63 15.87 -8.12 17.43
C LEU A 63 16.28 -6.99 16.49
N ILE A 64 16.05 -7.21 15.20
CA ILE A 64 16.19 -6.15 14.21
C ILE A 64 14.79 -5.90 13.67
N PRO A 65 14.50 -4.74 13.06
CA PRO A 65 13.14 -4.48 12.55
C PRO A 65 12.66 -5.44 11.48
N TYR A 66 13.56 -6.06 10.72
CA TYR A 66 13.14 -7.06 9.75
C TYR A 66 12.58 -8.30 10.44
N ASP A 67 13.10 -8.62 11.63
CA ASP A 67 12.52 -9.70 12.43
C ASP A 67 11.11 -9.34 12.86
N TRP A 68 10.88 -8.07 13.18
CA TRP A 68 9.54 -7.61 13.52
C TRP A 68 8.62 -7.72 12.33
N GLU A 69 9.15 -7.51 11.12
CA GLU A 69 8.36 -7.67 9.91
C GLU A 69 7.95 -9.14 9.73
N ILE A 70 8.90 -10.06 9.92
CA ILE A 70 8.58 -11.48 9.78
C ILE A 70 7.60 -11.93 10.84
N LEU A 71 7.79 -11.45 12.07
CA LEU A 71 6.91 -11.84 13.16
C LEU A 71 5.51 -11.32 12.96
N ALA A 72 5.38 -10.08 12.49
CA ALA A 72 4.06 -9.49 12.30
C ALA A 72 3.35 -10.13 11.12
N LYS A 73 4.04 -10.27 9.99
CA LYS A 73 3.42 -10.85 8.81
C LYS A 73 3.12 -12.33 9.00
N SER A 74 3.84 -13.01 9.88
CA SER A 74 3.62 -14.42 10.13
C SER A 74 2.53 -14.66 11.16
N SER A 75 1.71 -13.67 11.46
CA SER A 75 0.91 -13.89 12.65
C SER A 75 -0.58 -13.62 12.47
N LEU A 76 -0.96 -12.61 11.70
CA LEU A 76 -2.35 -12.15 11.77
C LEU A 76 -3.06 -12.28 10.44
N SER A 77 -4.28 -11.74 10.41
CA SER A 77 -4.99 -11.45 9.19
C SER A 77 -4.29 -10.30 8.47
N PRO A 78 -4.53 -10.13 7.16
CA PRO A 78 -3.93 -9.00 6.46
C PRO A 78 -4.31 -7.63 7.01
N SER A 79 -5.50 -7.50 7.60
CA SER A 79 -5.96 -6.20 8.08
C SER A 79 -5.14 -5.74 9.28
N GLN A 80 -4.91 -6.65 10.22
CA GLN A 80 -4.15 -6.29 11.40
C GLN A 80 -2.68 -6.05 11.05
N PHE A 81 -2.19 -6.74 10.02
CA PHE A 81 -0.80 -6.55 9.59
C PHE A 81 -0.59 -5.16 9.04
N LEU A 82 -1.49 -4.69 8.18
CA LEU A 82 -1.34 -3.34 7.64
C LEU A 82 -1.61 -2.29 8.70
N GLN A 83 -2.52 -2.55 9.64
CA GLN A 83 -2.74 -1.61 10.73
C GLN A 83 -1.48 -1.46 11.58
N PHE A 84 -0.80 -2.59 11.82
CA PHE A 84 0.49 -2.58 12.50
C PHE A 84 1.50 -1.74 11.74
N LYS A 85 1.51 -1.89 10.42
CA LYS A 85 2.43 -1.10 9.58
C LYS A 85 2.15 0.39 9.70
N THR A 86 0.87 0.77 9.78
CA THR A 86 0.51 2.18 9.80
C THR A 86 0.89 2.84 11.10
N TRP A 87 0.52 2.21 12.22
CA TRP A 87 0.89 2.81 13.49
C TRP A 87 2.39 2.75 13.73
N TRP A 88 3.07 1.76 13.13
CA TRP A 88 4.52 1.76 13.08
C TRP A 88 5.04 3.02 12.39
N ILE A 89 4.45 3.37 11.24
CA ILE A 89 4.89 4.53 10.47
C ILE A 89 4.69 5.82 11.27
N ASP A 90 3.53 5.94 11.91
CA ASP A 90 3.25 7.14 12.69
C ASP A 90 4.17 7.24 13.91
N GLY A 91 4.51 6.11 14.51
CA GLY A 91 5.48 6.12 15.59
C GLY A 91 6.87 6.50 15.14
N VAL A 92 7.25 6.11 13.92
CA VAL A 92 8.53 6.56 13.34
C VAL A 92 8.56 8.08 13.23
N GLN A 93 7.46 8.68 12.74
CA GLN A 93 7.44 10.13 12.59
C GLN A 93 7.47 10.84 13.95
N GLU A 94 6.74 10.31 14.94
CA GLU A 94 6.73 10.90 16.28
C GLU A 94 8.10 10.80 16.93
N GLN A 95 8.75 9.64 16.82
CA GLN A 95 10.06 9.45 17.41
C GLN A 95 11.10 10.32 16.72
N VAL A 96 10.97 10.52 15.41
CA VAL A 96 11.92 11.35 14.69
C VAL A 96 11.78 12.82 15.12
N ARG A 97 10.53 13.28 15.31
CA ARG A 97 10.32 14.64 15.80
C ARG A 97 10.87 14.84 17.20
N ARG A 98 10.71 13.83 18.07
CA ARG A 98 11.26 13.96 19.42
C ARG A 98 12.78 13.87 19.43
N ASN A 99 13.37 13.07 18.54
CA ASN A 99 14.83 13.03 18.44
C ASN A 99 15.38 14.34 17.92
N ARG A 100 14.69 14.98 16.98
CA ARG A 100 15.14 16.29 16.55
C ARG A 100 14.84 17.37 17.57
N ALA A 101 13.89 17.12 18.48
CA ALA A 101 13.63 18.02 19.58
C ALA A 101 14.49 17.72 20.81
N ALA A 102 15.32 16.68 20.76
CA ALA A 102 16.13 16.30 21.91
C ALA A 102 17.23 17.33 22.20
N ASN A 103 17.80 17.23 23.40
CA ASN A 103 18.68 18.25 23.95
C ASN A 103 19.98 17.65 24.46
N PRO A 104 21.00 17.49 23.60
CA PRO A 104 21.17 17.73 22.16
C PRO A 104 20.41 16.73 21.32
N PRO A 105 20.09 17.07 20.06
CA PRO A 105 19.29 16.15 19.23
C PRO A 105 20.04 14.88 18.88
N VAL A 106 19.26 13.86 18.57
CA VAL A 106 19.78 12.50 18.41
C VAL A 106 20.08 12.27 16.93
N ASN A 107 21.26 11.71 16.65
CA ASN A 107 21.70 11.45 15.29
C ASN A 107 21.16 10.10 14.79
N ILE A 108 19.84 9.96 14.84
CA ILE A 108 19.16 8.74 14.41
C ILE A 108 18.00 9.15 13.51
N ASP A 109 17.98 8.63 12.29
CA ASP A 109 17.03 9.05 11.27
C ASP A 109 15.75 8.23 11.35
N ALA A 110 14.95 8.31 10.29
CA ALA A 110 13.74 7.51 10.20
C ALA A 110 14.01 6.17 9.52
N ASP A 111 14.84 6.18 8.49
CA ASP A 111 15.05 4.98 7.69
C ASP A 111 15.94 3.97 8.41
N GLN A 112 16.72 4.42 9.39
CA GLN A 112 17.39 3.49 10.28
C GLN A 112 16.39 2.77 11.16
N LEU A 113 15.28 3.42 11.45
CA LEU A 113 14.23 2.84 12.27
C LEU A 113 13.25 2.02 11.44
N LEU A 114 13.35 2.05 10.12
CA LEU A 114 12.43 1.32 9.27
C LEU A 114 13.07 0.26 8.38
N GLY A 115 14.35 0.37 8.06
CA GLY A 115 15.02 -0.68 7.31
C GLY A 115 14.89 -0.56 5.81
N ILE A 116 14.64 0.64 5.30
CA ILE A 116 14.57 0.88 3.86
C ILE A 116 15.63 1.94 3.54
N GLY A 117 16.35 1.71 2.45
CA GLY A 117 17.43 2.57 2.06
C GLY A 117 18.76 1.86 2.07
N GLN A 118 19.71 2.41 1.32
CA GLN A 118 20.95 1.69 1.07
C GLN A 118 21.91 1.68 2.26
N ASN A 119 21.55 2.34 3.36
CA ASN A 119 22.27 2.11 4.60
C ASN A 119 21.70 0.94 5.37
N TRP A 120 20.41 0.64 5.19
CA TRP A 120 19.72 -0.33 6.03
C TRP A 120 18.85 -1.29 5.25
N SER A 121 19.18 -1.59 4.00
CA SER A 121 18.39 -2.50 3.20
C SER A 121 18.51 -3.95 3.64
N THR A 122 19.73 -4.42 3.89
CA THR A 122 19.98 -5.85 4.01
C THR A 122 19.88 -6.31 5.45
N ILE A 123 19.81 -7.64 5.60
CA ILE A 123 19.85 -8.26 6.92
C ILE A 123 21.22 -8.03 7.56
N SER A 124 22.27 -8.11 6.75
CA SER A 124 23.62 -7.94 7.27
C SER A 124 23.89 -6.50 7.67
N GLN A 125 23.15 -5.54 7.11
CA GLN A 125 23.34 -4.15 7.46
C GLN A 125 22.84 -3.88 8.88
N GLN A 126 21.77 -4.54 9.29
CA GLN A 126 21.16 -4.26 10.58
C GLN A 126 21.85 -5.00 11.72
N ALA A 127 22.92 -5.75 11.45
CA ALA A 127 23.62 -6.46 12.50
C ALA A 127 24.42 -5.53 13.39
N LEU A 128 24.64 -4.29 12.95
CA LEU A 128 25.55 -3.38 13.64
C LEU A 128 24.83 -2.15 14.18
N MET A 129 23.62 -2.34 14.70
CA MET A 129 22.92 -1.23 15.33
C MET A 129 23.43 -1.04 16.75
N GLN A 130 22.84 -0.07 17.46
CA GLN A 130 23.23 0.22 18.82
C GLN A 130 22.00 0.23 19.74
N ASN A 131 22.29 0.33 21.04
CA ASN A 131 21.31 0.00 22.07
C ASN A 131 20.15 0.98 22.13
N GLU A 132 20.40 2.24 21.76
CA GLU A 132 19.33 3.23 21.73
C GLU A 132 18.32 2.87 20.64
N ALA A 133 18.80 2.33 19.52
CA ALA A 133 17.90 1.85 18.49
C ALA A 133 17.17 0.61 18.97
N ILE A 134 17.83 -0.22 19.78
CA ILE A 134 17.22 -1.44 20.30
C ILE A 134 16.02 -1.10 21.17
N GLU A 135 16.22 -0.24 22.16
CA GLU A 135 15.12 0.15 23.03
C GLU A 135 14.09 1.00 22.30
N GLN A 136 14.52 1.76 21.29
CA GLN A 136 13.57 2.59 20.56
C GLN A 136 12.64 1.73 19.71
N VAL A 137 13.18 0.75 18.99
CA VAL A 137 12.33 -0.13 18.21
C VAL A 137 11.50 -1.02 19.12
N ARG A 138 12.03 -1.34 20.32
CA ARG A 138 11.29 -2.17 21.27
C ARG A 138 10.04 -1.44 21.76
N ALA A 139 10.24 -0.21 22.25
CA ALA A 139 9.12 0.59 22.73
C ALA A 139 8.14 0.90 21.61
N ILE A 140 8.63 1.17 20.40
CA ILE A 140 7.70 1.62 19.38
C ILE A 140 6.93 0.44 18.78
N CYS A 141 7.51 -0.75 18.70
CA CYS A 141 6.73 -1.86 18.17
C CYS A 141 5.78 -2.39 19.23
N LEU A 142 6.18 -2.30 20.50
CA LEU A 142 5.26 -2.67 21.58
C LEU A 142 4.06 -1.74 21.58
N ARG A 143 4.29 -0.44 21.44
CA ARG A 143 3.20 0.51 21.35
C ARG A 143 2.34 0.28 20.11
N ALA A 144 2.97 -0.13 19.01
CA ALA A 144 2.23 -0.48 17.81
C ALA A 144 1.29 -1.65 18.06
N TRP A 145 1.75 -2.63 18.83
CA TRP A 145 0.84 -3.72 19.16
C TRP A 145 -0.24 -3.28 20.12
N GLU A 146 0.06 -2.35 21.03
CA GLU A 146 -0.97 -1.91 21.97
C GLU A 146 -2.08 -1.14 21.27
N LYS A 147 -1.73 -0.44 20.18
CA LYS A 147 -2.70 0.44 19.54
C LYS A 147 -3.46 -0.20 18.40
N ILE A 148 -3.79 -1.49 18.48
CA ILE A 148 -4.58 -2.14 17.45
C ILE A 148 -6.01 -2.25 17.95
N GLN A 149 -6.97 -2.10 17.03
CA GLN A 149 -8.34 -2.48 17.34
C GLN A 149 -8.55 -3.96 17.05
N ASP A 150 -9.80 -4.42 16.98
CA ASP A 150 -10.18 -5.80 16.79
C ASP A 150 -11.54 -5.87 16.12
N PRO A 151 -11.92 -7.02 15.55
CA PRO A 151 -13.32 -7.20 15.16
C PRO A 151 -14.23 -7.25 16.37
N GLY A 152 -15.49 -6.90 16.14
CA GLY A 152 -16.44 -6.74 17.22
C GLY A 152 -16.59 -5.28 17.58
N SER A 153 -17.76 -4.70 17.29
CA SER A 153 -17.97 -3.26 17.44
C SER A 153 -19.23 -2.99 18.23
N ALA A 154 -19.21 -1.93 19.02
CA ALA A 154 -20.37 -1.42 19.73
C ALA A 154 -20.00 -0.05 20.26
N CYS A 155 -20.87 0.94 20.02
CA CYS A 155 -20.60 2.30 20.48
C CYS A 155 -20.72 2.36 22.01
N PRO A 156 -19.63 2.66 22.72
CA PRO A 156 -19.64 2.52 24.18
C PRO A 156 -20.25 3.71 24.89
N SER A 157 -21.11 3.44 25.86
CA SER A 157 -21.66 4.45 26.75
C SER A 157 -21.41 4.00 28.18
N PHE A 158 -20.80 4.87 28.98
CA PHE A 158 -20.28 4.50 30.29
C PHE A 158 -21.36 4.23 31.32
N ASN A 159 -22.50 4.91 31.23
CA ASN A 159 -23.54 4.82 32.25
C ASN A 159 -24.55 3.72 31.97
N THR A 160 -24.13 2.64 31.32
CA THR A 160 -25.02 1.51 31.05
C THR A 160 -24.70 0.27 31.87
N VAL A 161 -23.45 0.10 32.30
CA VAL A 161 -23.02 -1.09 33.02
C VAL A 161 -22.94 -0.77 34.51
N ARG A 162 -23.54 -1.63 35.34
CA ARG A 162 -23.52 -1.46 36.78
C ARG A 162 -23.59 -2.83 37.43
N GLN A 163 -23.38 -2.84 38.74
CA GLN A 163 -23.34 -4.08 39.51
C GLN A 163 -24.75 -4.59 39.77
N GLY A 164 -24.82 -5.81 40.30
CA GLY A 164 -26.05 -6.39 40.81
C GLY A 164 -25.87 -6.93 42.20
N SER A 165 -26.95 -7.50 42.73
CA SER A 165 -26.90 -8.14 44.04
C SER A 165 -26.03 -9.39 43.97
N LYS A 166 -25.40 -9.70 45.12
CA LYS A 166 -24.43 -10.81 45.35
C LYS A 166 -23.33 -10.90 44.29
N GLU A 167 -23.01 -9.80 43.62
CA GLU A 167 -22.04 -9.82 42.56
C GLU A 167 -20.64 -9.72 43.15
N PRO A 168 -19.70 -10.56 42.72
CA PRO A 168 -18.33 -10.47 43.23
C PRO A 168 -17.65 -9.21 42.73
N TYR A 169 -17.21 -8.39 43.68
CA TYR A 169 -16.65 -7.06 43.49
C TYR A 169 -15.52 -6.91 42.47
N PRO A 170 -14.47 -7.77 42.44
CA PRO A 170 -13.42 -7.52 41.44
C PRO A 170 -13.84 -7.86 40.03
N ASP A 171 -14.72 -8.84 39.84
CA ASP A 171 -15.17 -9.17 38.51
C ASP A 171 -16.13 -8.13 37.97
N PHE A 172 -16.77 -7.37 38.86
CA PHE A 172 -17.52 -6.22 38.42
C PHE A 172 -16.59 -5.14 37.87
N VAL A 173 -15.56 -4.79 38.63
CA VAL A 173 -14.68 -3.69 38.21
C VAL A 173 -13.72 -4.10 37.10
N ALA A 174 -13.60 -5.39 36.81
CA ALA A 174 -12.68 -5.81 35.75
C ALA A 174 -13.20 -5.41 34.38
N ARG A 175 -14.51 -5.50 34.17
CA ARG A 175 -15.09 -5.10 32.91
C ARG A 175 -15.00 -3.59 32.71
N LEU A 176 -15.05 -2.85 33.81
CA LEU A 176 -14.79 -1.41 33.75
C LEU A 176 -13.32 -1.12 33.55
N GLN A 177 -12.45 -2.01 34.00
CA GLN A 177 -11.02 -1.83 33.82
C GLN A 177 -10.63 -2.03 32.37
N ASP A 178 -11.18 -3.05 31.71
CA ASP A 178 -10.71 -3.41 30.39
C ASP A 178 -11.24 -2.47 29.31
N VAL A 179 -12.51 -2.06 29.43
CA VAL A 179 -13.11 -1.23 28.39
C VAL A 179 -12.62 0.22 28.45
N ALA A 180 -11.90 0.58 29.52
CA ALA A 180 -11.48 1.96 29.72
C ALA A 180 -10.37 2.37 28.78
N GLN A 181 -9.57 1.42 28.33
CA GLN A 181 -8.49 1.74 27.40
C GLN A 181 -8.93 1.74 25.95
N LYS A 182 -10.23 1.50 25.70
CA LYS A 182 -10.73 1.51 24.33
C LYS A 182 -11.01 2.92 23.86
N SER A 183 -11.90 3.63 24.55
CA SER A 183 -12.40 4.91 24.09
C SER A 183 -11.56 6.08 24.52
N ILE A 184 -10.47 5.86 25.26
CA ILE A 184 -9.60 6.95 25.70
C ILE A 184 -8.17 6.58 25.36
N ALA A 185 -7.49 7.47 24.63
CA ALA A 185 -6.09 7.24 24.30
C ALA A 185 -5.15 7.63 25.44
N ASP A 186 -5.48 8.67 26.20
CA ASP A 186 -4.59 9.17 27.25
C ASP A 186 -4.57 8.20 28.41
N GLU A 187 -3.37 7.94 28.93
CA GLU A 187 -3.24 7.08 30.10
C GLU A 187 -3.85 7.72 31.34
N LYS A 188 -3.72 9.04 31.48
CA LYS A 188 -4.21 9.69 32.67
C LYS A 188 -5.72 9.87 32.63
N ALA A 189 -6.27 10.20 31.46
CA ALA A 189 -7.70 10.46 31.35
C ALA A 189 -8.53 9.20 31.56
N ARG A 190 -8.04 8.06 31.10
CA ARG A 190 -8.77 6.83 31.40
C ARG A 190 -8.57 6.40 32.84
N LYS A 191 -7.40 6.68 33.43
CA LYS A 191 -7.18 6.19 34.78
C LYS A 191 -7.80 7.08 35.84
N VAL A 192 -8.23 8.29 35.49
CA VAL A 192 -8.93 9.08 36.48
C VAL A 192 -10.43 8.81 36.48
N ILE A 193 -11.01 8.45 35.34
CA ILE A 193 -12.46 8.31 35.32
C ILE A 193 -12.88 6.97 35.92
N VAL A 194 -11.98 5.99 35.95
CA VAL A 194 -12.34 4.70 36.54
C VAL A 194 -12.46 4.84 38.05
N GLU A 195 -11.71 5.78 38.64
CA GLU A 195 -11.86 6.09 40.06
C GLU A 195 -13.25 6.62 40.35
N LEU A 196 -13.76 7.49 39.48
CA LEU A 196 -15.09 8.05 39.68
C LEU A 196 -16.17 7.02 39.43
N MET A 197 -16.01 6.23 38.36
CA MET A 197 -17.03 5.22 38.06
C MET A 197 -16.99 4.07 39.05
N ALA A 198 -15.88 3.90 39.77
CA ALA A 198 -15.81 2.85 40.77
C ALA A 198 -16.74 3.16 41.94
N TYR A 199 -16.67 4.39 42.46
CA TYR A 199 -17.43 4.72 43.66
C TYR A 199 -18.92 4.89 43.37
N GLU A 200 -19.28 5.20 42.13
CA GLU A 200 -20.68 5.41 41.83
C GLU A 200 -21.37 4.11 41.46
N ASN A 201 -20.79 3.35 40.54
CA ASN A 201 -21.45 2.15 40.05
C ASN A 201 -21.37 0.98 41.02
N ALA A 202 -20.68 1.14 42.14
CA ALA A 202 -20.76 0.14 43.19
C ALA A 202 -22.13 0.19 43.86
N ASN A 203 -22.59 -0.99 44.29
CA ASN A 203 -23.80 -1.06 45.08
C ASN A 203 -23.55 -0.43 46.45
N PRO A 204 -24.60 0.09 47.11
CA PRO A 204 -24.37 0.90 48.33
C PRO A 204 -23.76 0.13 49.49
N GLU A 205 -23.95 -1.18 49.53
CA GLU A 205 -23.37 -1.98 50.60
C GLU A 205 -21.85 -2.07 50.46
N CYS A 206 -21.35 -2.14 49.23
CA CYS A 206 -19.91 -2.04 49.02
C CYS A 206 -19.47 -0.58 49.07
N GLN A 207 -20.34 0.32 48.60
CA GLN A 207 -20.06 1.75 48.71
C GLN A 207 -19.99 2.19 50.17
N SER A 208 -20.71 1.49 51.04
CA SER A 208 -20.61 1.70 52.48
C SER A 208 -19.21 1.44 53.02
N ALA A 209 -18.45 0.54 52.42
CA ALA A 209 -17.13 0.25 52.91
C ALA A 209 -16.12 1.33 52.58
N ILE A 210 -16.39 2.17 51.58
CA ILE A 210 -15.36 3.08 51.09
C ILE A 210 -15.51 4.47 51.71
N LYS A 211 -16.56 4.68 52.51
CA LYS A 211 -16.77 5.98 53.14
C LYS A 211 -15.64 6.48 54.03
N PRO A 212 -14.87 5.65 54.75
CA PRO A 212 -13.60 6.16 55.28
C PRO A 212 -12.51 6.25 54.25
N LEU A 213 -12.52 5.38 53.24
CA LEU A 213 -11.46 5.45 52.25
C LEU A 213 -11.66 6.61 51.29
N LYS A 214 -12.91 6.89 50.91
CA LYS A 214 -13.19 8.12 50.19
C LYS A 214 -13.13 9.28 51.16
N GLY A 215 -12.35 10.30 50.80
CA GLY A 215 -12.07 11.41 51.67
C GLY A 215 -10.63 11.49 52.12
N LYS A 216 -9.87 10.39 51.99
CA LYS A 216 -8.44 10.43 52.24
C LYS A 216 -7.80 9.39 51.32
N VAL A 217 -7.25 9.86 50.20
CA VAL A 217 -6.55 8.98 49.29
C VAL A 217 -5.15 8.75 49.84
N PRO A 218 -4.69 7.50 49.95
CA PRO A 218 -3.38 7.24 50.54
C PRO A 218 -2.26 7.23 49.53
N ALA A 219 -1.10 7.71 49.98
CA ALA A 219 0.10 7.74 49.15
C ALA A 219 0.84 6.41 49.24
N GLY A 220 1.75 6.20 48.30
CA GLY A 220 2.44 4.93 48.18
C GLY A 220 1.54 3.78 47.83
N SER A 221 0.45 4.05 47.11
CA SER A 221 -0.61 3.06 46.93
C SER A 221 -1.51 3.48 45.77
N ASP A 222 -1.94 2.48 45.00
CA ASP A 222 -2.94 2.67 43.97
C ASP A 222 -4.32 2.71 44.58
N VAL A 223 -5.16 3.63 44.09
CA VAL A 223 -6.48 3.84 44.66
C VAL A 223 -7.41 2.64 44.46
N ILE A 224 -7.27 1.91 43.36
CA ILE A 224 -8.10 0.73 43.13
C ILE A 224 -7.62 -0.40 44.02
N SER A 225 -6.29 -0.48 44.17
CA SER A 225 -5.65 -1.52 44.99
C SER A 225 -6.11 -1.45 46.43
N GLU A 226 -6.34 -0.26 46.95
CA GLU A 226 -6.84 -0.15 48.30
C GLU A 226 -8.29 -0.58 48.39
N TYR A 227 -9.07 -0.34 47.35
CA TYR A 227 -10.47 -0.72 47.37
C TYR A 227 -10.63 -2.23 47.37
N VAL A 228 -9.85 -2.92 46.54
CA VAL A 228 -10.06 -4.35 46.38
C VAL A 228 -9.60 -5.11 47.62
N LYS A 229 -8.49 -4.70 48.21
CA LYS A 229 -8.09 -5.32 49.47
C LYS A 229 -8.75 -4.67 50.67
N ALA A 230 -9.65 -3.72 50.44
CA ALA A 230 -10.49 -3.23 51.52
C ALA A 230 -11.78 -4.05 51.61
N CYS A 231 -12.57 -4.07 50.55
CA CYS A 231 -13.94 -4.57 50.67
C CYS A 231 -14.10 -5.97 50.10
N ASP A 232 -13.15 -6.87 50.35
CA ASP A 232 -13.19 -8.20 49.77
C ASP A 232 -14.31 -9.08 50.30
N GLY A 233 -14.73 -8.88 51.54
CA GLY A 233 -15.61 -9.83 52.19
C GLY A 233 -17.09 -9.61 51.95
N ILE A 234 -17.46 -9.14 50.76
CA ILE A 234 -18.89 -8.93 50.43
C ILE A 234 -19.25 -10.01 49.43
N GLY A 235 -19.83 -11.09 49.95
CA GLY A 235 -20.22 -12.20 49.11
C GLY A 235 -21.71 -12.46 49.08
N GLY A 236 -22.12 -13.64 49.54
CA GLY A 236 -23.52 -14.01 49.54
C GLY A 236 -23.74 -15.51 49.66
N PRO B 1 10.65 37.97 -25.43
CA PRO B 1 11.98 37.35 -25.52
C PRO B 1 13.07 38.39 -25.76
N VAL B 2 14.22 38.19 -25.13
CA VAL B 2 15.38 39.07 -25.28
C VAL B 2 16.29 38.48 -26.34
N THR B 3 16.60 39.30 -27.35
CA THR B 3 17.47 38.89 -28.44
C THR B 3 18.62 39.87 -28.62
N LEU B 4 19.75 39.57 -28.00
CA LEU B 4 20.95 40.40 -28.10
C LEU B 4 21.21 41.24 -26.85
N ALA B 23 18.91 44.43 -26.18
CA ALA B 23 18.36 43.49 -25.21
C ALA B 23 17.01 43.99 -24.66
N ARG B 24 15.92 43.65 -25.35
CA ARG B 24 14.59 44.11 -24.95
C ARG B 24 13.54 43.07 -25.32
N TYR B 25 12.30 43.39 -25.01
CA TYR B 25 11.16 42.49 -25.19
C TYR B 25 10.07 43.20 -25.99
N LYS B 26 9.46 42.46 -26.91
CA LYS B 26 8.37 42.96 -27.75
C LYS B 26 7.16 42.06 -27.56
N SER B 27 5.97 42.66 -27.54
CA SER B 27 4.75 41.91 -27.27
C SER B 27 4.36 41.05 -28.47
N PHE B 28 3.27 40.32 -28.30
CA PHE B 28 2.82 39.35 -29.29
C PHE B 28 2.19 40.04 -30.49
N SER B 29 2.20 39.35 -31.62
CA SER B 29 1.52 39.83 -32.80
C SER B 29 0.03 39.56 -32.69
N ILE B 30 -0.76 40.34 -33.44
CA ILE B 30 -2.20 40.18 -33.39
C ILE B 30 -2.63 38.96 -34.17
N LYS B 31 -1.78 38.48 -35.08
CA LYS B 31 -2.18 37.45 -36.05
C LYS B 31 -2.40 36.11 -35.38
N MET B 32 -1.43 35.64 -34.60
CA MET B 32 -1.56 34.32 -33.99
C MET B 32 -2.60 34.33 -32.87
N LEU B 33 -2.87 35.48 -32.28
CA LEU B 33 -3.79 35.51 -31.16
C LEU B 33 -5.24 35.36 -31.58
N LYS B 34 -5.59 35.82 -32.78
CA LYS B 34 -6.91 35.51 -33.33
C LYS B 34 -7.07 34.02 -33.52
N ASP B 35 -6.01 33.36 -33.99
CA ASP B 35 -6.03 31.91 -34.17
C ASP B 35 -6.17 31.21 -32.83
N MET B 36 -5.48 31.73 -31.81
CA MET B 36 -5.56 31.17 -30.47
C MET B 36 -6.94 31.32 -29.88
N LYS B 37 -7.59 32.47 -30.12
CA LYS B 37 -8.96 32.65 -29.67
C LYS B 37 -9.91 31.73 -30.39
N GLU B 38 -9.70 31.54 -31.70
CA GLU B 38 -10.61 30.73 -32.48
C GLU B 38 -10.49 29.26 -32.10
N GLY B 39 -9.27 28.81 -31.83
CA GLY B 39 -9.03 27.39 -31.61
C GLY B 39 -9.71 26.82 -30.39
N VAL B 40 -9.70 27.56 -29.28
CA VAL B 40 -10.25 27.05 -28.03
C VAL B 40 -11.76 26.93 -28.10
N LYS B 41 -12.44 27.97 -28.59
CA LYS B 41 -13.88 27.92 -28.66
C LYS B 41 -14.37 27.06 -29.80
N GLN B 42 -13.54 26.82 -30.81
CA GLN B 42 -13.97 25.88 -31.84
C GLN B 42 -13.82 24.44 -31.39
N TYR B 43 -12.69 24.11 -30.80
CA TYR B 43 -12.35 22.71 -30.55
C TYR B 43 -12.52 22.29 -29.09
N GLY B 44 -11.95 23.03 -28.15
CA GLY B 44 -11.93 22.57 -26.78
C GLY B 44 -10.75 23.15 -26.03
N PRO B 45 -10.55 22.68 -24.79
CA PRO B 45 -9.41 23.19 -24.01
C PRO B 45 -8.11 22.48 -24.33
N ASN B 46 -8.17 21.20 -24.64
CA ASN B 46 -6.99 20.37 -24.79
C ASN B 46 -7.04 19.51 -26.04
N SER B 47 -7.39 20.12 -27.17
CA SER B 47 -7.26 19.43 -28.44
C SER B 47 -5.80 19.16 -28.75
N PRO B 48 -5.51 18.07 -29.45
CA PRO B 48 -4.12 17.81 -29.88
C PRO B 48 -3.57 18.87 -30.82
N TYR B 49 -4.43 19.64 -31.49
CA TYR B 49 -3.98 20.78 -32.28
C TYR B 49 -3.22 21.78 -31.43
N MET B 50 -3.85 22.28 -30.38
CA MET B 50 -3.19 23.28 -29.54
C MET B 50 -2.14 22.62 -28.66
N ARG B 51 -2.29 21.32 -28.38
CA ARG B 51 -1.26 20.58 -27.66
C ARG B 51 0.05 20.62 -28.42
N THR B 52 -0.02 20.53 -29.74
CA THR B 52 1.17 20.72 -30.54
C THR B 52 1.55 22.18 -30.63
N LEU B 53 0.57 23.08 -30.70
CA LEU B 53 0.87 24.47 -31.01
C LEU B 53 1.55 25.19 -29.86
N LEU B 54 1.02 25.01 -28.64
CA LEU B 54 1.64 25.60 -27.46
C LEU B 54 3.03 25.02 -27.22
N ASP B 55 3.20 23.74 -27.52
CA ASP B 55 4.51 23.11 -27.35
C ASP B 55 5.50 23.67 -28.34
N SER B 56 5.07 23.90 -29.58
CA SER B 56 5.96 24.49 -30.58
C SER B 56 6.32 25.92 -30.20
N ILE B 57 5.36 26.67 -29.66
CA ILE B 57 5.65 28.02 -29.19
C ILE B 57 6.63 27.99 -28.01
N ALA B 58 6.41 27.08 -27.07
CA ALA B 58 7.26 26.94 -25.90
C ALA B 58 8.65 26.42 -26.24
N HIS B 59 8.80 25.70 -27.35
CA HIS B 59 10.11 25.23 -27.76
C HIS B 59 10.84 26.21 -28.66
N GLY B 60 10.12 27.09 -29.36
CA GLY B 60 10.79 28.01 -30.24
C GLY B 60 10.98 29.39 -29.64
N HIS B 61 10.34 29.65 -28.51
CA HIS B 61 10.36 30.99 -27.95
C HIS B 61 10.63 30.95 -26.45
N ARG B 62 11.29 32.00 -25.97
CA ARG B 62 11.71 32.14 -24.58
C ARG B 62 10.79 33.15 -23.90
N LEU B 63 9.95 32.66 -22.99
CA LEU B 63 8.77 33.40 -22.54
C LEU B 63 8.79 33.60 -21.04
N ILE B 64 8.37 34.78 -20.58
CA ILE B 64 8.36 35.13 -19.17
C ILE B 64 7.01 34.68 -18.61
N PRO B 65 6.90 34.43 -17.30
CA PRO B 65 5.59 34.15 -16.70
C PRO B 65 4.51 35.18 -16.98
N TYR B 66 4.84 36.46 -17.11
CA TYR B 66 3.83 37.46 -17.45
C TYR B 66 3.27 37.25 -18.84
N ASP B 67 4.10 36.79 -19.77
CA ASP B 67 3.63 36.48 -21.12
C ASP B 67 2.65 35.32 -21.10
N TRP B 68 2.83 34.40 -20.17
CA TRP B 68 1.87 33.31 -20.01
C TRP B 68 0.54 33.83 -19.52
N GLU B 69 0.56 34.87 -18.69
CA GLU B 69 -0.70 35.48 -18.27
C GLU B 69 -1.38 36.17 -19.43
N ILE B 70 -0.58 36.79 -20.32
CA ILE B 70 -1.15 37.38 -21.53
C ILE B 70 -1.78 36.32 -22.41
N LEU B 71 -1.06 35.22 -22.64
CA LEU B 71 -1.57 34.17 -23.52
C LEU B 71 -2.75 33.44 -22.93
N ALA B 72 -2.84 33.37 -21.60
CA ALA B 72 -4.00 32.75 -20.99
C ALA B 72 -5.21 33.67 -21.07
N LYS B 73 -5.07 34.89 -20.52
CA LYS B 73 -6.18 35.81 -20.41
C LYS B 73 -6.64 36.34 -21.76
N SER B 74 -5.82 36.20 -22.80
CA SER B 74 -6.30 36.48 -24.14
C SER B 74 -7.08 35.32 -24.73
N SER B 75 -7.04 34.15 -24.11
CA SER B 75 -7.55 32.95 -24.73
C SER B 75 -8.80 32.39 -24.06
N LEU B 76 -8.71 32.13 -22.76
CA LEU B 76 -9.63 31.18 -22.16
C LEU B 76 -10.98 31.81 -21.83
N SER B 77 -11.88 30.99 -21.30
CA SER B 77 -13.14 31.49 -20.80
C SER B 77 -12.91 32.23 -19.49
N PRO B 78 -13.87 33.04 -19.06
CA PRO B 78 -13.79 33.58 -17.69
C PRO B 78 -13.80 32.51 -16.63
N SER B 79 -14.48 31.39 -16.87
CA SER B 79 -14.41 30.27 -15.94
C SER B 79 -13.04 29.61 -15.96
N GLN B 80 -12.48 29.44 -17.16
CA GLN B 80 -11.26 28.66 -17.31
C GLN B 80 -10.06 29.36 -16.71
N PHE B 81 -10.03 30.68 -16.76
CA PHE B 81 -8.89 31.42 -16.21
C PHE B 81 -8.82 31.30 -14.69
N LEU B 82 -9.98 31.46 -14.04
CA LEU B 82 -10.04 31.29 -12.60
C LEU B 82 -9.83 29.84 -12.21
N GLN B 83 -10.18 28.89 -13.08
CA GLN B 83 -9.81 27.52 -12.79
C GLN B 83 -8.32 27.32 -12.93
N PHE B 84 -7.70 27.97 -13.91
CA PHE B 84 -6.33 27.66 -14.29
C PHE B 84 -5.32 28.22 -13.31
N LYS B 85 -5.59 29.42 -12.80
CA LYS B 85 -4.61 30.07 -11.92
C LYS B 85 -4.43 29.32 -10.60
N THR B 86 -5.46 28.59 -10.17
CA THR B 86 -5.36 27.80 -8.96
C THR B 86 -4.36 26.67 -9.10
N TRP B 87 -4.45 25.92 -10.20
CA TRP B 87 -3.48 24.86 -10.41
C TRP B 87 -2.11 25.43 -10.73
N TRP B 88 -2.06 26.63 -11.31
CA TRP B 88 -0.76 27.29 -11.49
C TRP B 88 -0.14 27.64 -10.15
N ILE B 89 -0.95 27.94 -9.15
CA ILE B 89 -0.43 28.11 -7.79
C ILE B 89 0.05 26.77 -7.24
N ASP B 90 -0.76 25.72 -7.41
CA ASP B 90 -0.49 24.43 -6.78
C ASP B 90 0.76 23.77 -7.36
N GLY B 91 1.08 24.08 -8.62
CA GLY B 91 2.29 23.55 -9.22
C GLY B 91 3.54 24.03 -8.52
N VAL B 92 3.66 25.33 -8.27
CA VAL B 92 4.83 25.81 -7.56
C VAL B 92 4.74 25.43 -6.09
N GLN B 93 3.52 25.27 -5.57
CA GLN B 93 3.32 24.79 -4.20
C GLN B 93 3.89 23.40 -4.00
N GLU B 94 3.86 22.56 -5.02
CA GLU B 94 4.56 21.29 -4.96
C GLU B 94 6.02 21.40 -5.34
N GLN B 95 6.37 22.32 -6.24
CA GLN B 95 7.73 22.36 -6.77
C GLN B 95 8.75 22.83 -5.75
N VAL B 96 8.36 23.80 -4.91
CA VAL B 96 9.33 24.39 -3.99
C VAL B 96 9.80 23.42 -2.91
N ARG B 97 9.03 22.38 -2.60
CA ARG B 97 9.53 21.35 -1.69
C ARG B 97 10.64 20.54 -2.33
N ARG B 98 10.49 20.19 -3.61
CA ARG B 98 11.54 19.44 -4.29
C ARG B 98 12.78 20.31 -4.52
N ASN B 99 12.58 21.60 -4.76
CA ASN B 99 13.75 22.47 -4.89
C ASN B 99 14.42 22.72 -3.56
N ARG B 100 13.67 22.67 -2.46
CA ARG B 100 14.30 22.74 -1.15
C ARG B 100 14.95 21.42 -0.76
N ALA B 101 14.55 20.32 -1.40
CA ALA B 101 15.20 19.04 -1.19
C ALA B 101 16.43 18.86 -2.07
N ALA B 102 16.86 19.91 -2.77
CA ALA B 102 17.92 19.77 -3.75
C ALA B 102 19.29 19.75 -3.07
N ASN B 103 20.19 18.99 -3.68
CA ASN B 103 21.59 18.88 -3.23
C ASN B 103 22.49 19.26 -4.39
N PRO B 104 22.99 20.51 -4.48
CA PRO B 104 22.82 21.66 -3.60
C PRO B 104 21.47 22.33 -3.78
N PRO B 105 20.96 23.01 -2.76
CA PRO B 105 19.69 23.71 -2.91
C PRO B 105 19.81 24.92 -3.83
N VAL B 106 18.72 25.21 -4.54
CA VAL B 106 18.67 26.28 -5.51
C VAL B 106 17.78 27.39 -4.97
N ASN B 107 18.28 28.63 -5.03
CA ASN B 107 17.58 29.79 -4.49
C ASN B 107 16.49 30.18 -5.48
N ILE B 108 15.36 29.48 -5.38
CA ILE B 108 14.16 29.77 -6.18
C ILE B 108 12.98 29.72 -5.24
N ASP B 109 12.31 30.85 -5.07
CA ASP B 109 11.16 30.94 -4.17
C ASP B 109 9.88 31.10 -4.98
N ALA B 110 8.78 31.35 -4.25
CA ALA B 110 7.45 31.26 -4.84
C ALA B 110 7.16 32.42 -5.80
N ASP B 111 7.47 33.64 -5.38
CA ASP B 111 7.14 34.79 -6.21
C ASP B 111 8.07 34.92 -7.41
N GLN B 112 9.20 34.19 -7.42
CA GLN B 112 10.07 34.18 -8.59
C GLN B 112 9.38 33.54 -9.79
N LEU B 113 8.49 32.59 -9.55
CA LEU B 113 7.67 32.08 -10.63
C LEU B 113 6.30 32.75 -10.67
N LEU B 114 5.97 33.54 -9.67
CA LEU B 114 4.65 34.13 -9.62
C LEU B 114 4.61 35.56 -10.15
N GLY B 115 5.75 36.20 -10.36
CA GLY B 115 5.74 37.52 -10.94
C GLY B 115 5.28 38.62 -10.02
N ILE B 116 5.32 38.39 -8.71
CA ILE B 116 4.82 39.35 -7.73
C ILE B 116 5.93 39.65 -6.73
N GLY B 117 5.59 40.38 -5.67
CA GLY B 117 6.56 40.72 -4.66
C GLY B 117 7.34 41.95 -5.04
N GLN B 118 8.62 42.01 -4.67
CA GLN B 118 9.44 43.17 -4.94
C GLN B 118 10.47 42.91 -6.03
N ASN B 119 10.96 41.68 -6.12
CA ASN B 119 12.12 41.39 -6.95
C ASN B 119 11.74 41.05 -8.39
N TRP B 120 10.54 40.55 -8.63
CA TRP B 120 10.16 40.07 -9.95
C TRP B 120 8.80 40.61 -10.34
N SER B 121 8.59 41.91 -10.16
CA SER B 121 7.28 42.49 -10.37
C SER B 121 7.10 43.18 -11.71
N THR B 122 8.17 43.67 -12.33
CA THR B 122 8.04 44.36 -13.61
C THR B 122 8.67 43.52 -14.71
N ILE B 123 8.49 44.00 -15.94
CA ILE B 123 9.03 43.32 -17.11
C ILE B 123 10.55 43.38 -17.10
N SER B 124 11.10 44.57 -16.86
CA SER B 124 12.55 44.72 -16.80
C SER B 124 13.14 44.07 -15.56
N GLN B 125 12.34 43.87 -14.51
CA GLN B 125 12.83 43.13 -13.35
C GLN B 125 13.04 41.67 -13.70
N GLN B 126 12.14 41.11 -14.49
CA GLN B 126 12.18 39.68 -14.79
C GLN B 126 12.91 39.35 -16.08
N ALA B 127 13.36 40.36 -16.83
CA ALA B 127 13.92 40.12 -18.16
C ALA B 127 15.28 39.43 -18.10
N LEU B 128 15.95 39.45 -16.96
CA LEU B 128 17.29 38.87 -16.83
C LEU B 128 17.24 37.47 -16.24
N MET B 129 16.19 36.72 -16.55
CA MET B 129 15.95 35.45 -15.87
C MET B 129 16.80 34.33 -16.48
N GLN B 130 17.22 33.41 -15.62
CA GLN B 130 18.07 32.29 -15.99
C GLN B 130 17.23 31.15 -16.58
N ASN B 131 17.88 30.36 -17.45
CA ASN B 131 17.20 29.38 -18.29
C ASN B 131 16.54 28.24 -17.54
N GLU B 132 17.04 27.89 -16.35
CA GLU B 132 16.64 26.63 -15.72
C GLU B 132 15.22 26.68 -15.19
N ALA B 133 14.89 27.74 -14.45
CA ALA B 133 13.52 27.90 -13.96
C ALA B 133 12.55 28.17 -15.09
N ILE B 134 13.02 28.71 -16.22
CA ILE B 134 12.20 28.79 -17.41
C ILE B 134 11.78 27.40 -17.87
N GLU B 135 12.72 26.46 -17.84
CA GLU B 135 12.37 25.09 -18.17
C GLU B 135 11.47 24.45 -17.12
N GLN B 136 11.64 24.85 -15.84
CA GLN B 136 10.76 24.36 -14.79
C GLN B 136 9.32 24.84 -14.98
N VAL B 137 9.13 26.11 -15.30
CA VAL B 137 7.77 26.60 -15.46
C VAL B 137 7.20 26.09 -16.78
N ARG B 138 8.05 25.87 -17.77
CA ARG B 138 7.60 25.29 -19.03
C ARG B 138 7.15 23.85 -18.86
N ALA B 139 7.72 23.15 -17.87
CA ALA B 139 7.16 21.87 -17.49
C ALA B 139 5.84 22.04 -16.76
N ILE B 140 5.83 22.87 -15.71
CA ILE B 140 4.74 22.78 -14.75
C ILE B 140 3.47 23.45 -15.26
N CYS B 141 3.58 24.53 -16.03
CA CYS B 141 2.36 25.18 -16.50
C CYS B 141 1.76 24.40 -17.66
N LEU B 142 2.61 23.74 -18.45
CA LEU B 142 2.10 22.83 -19.46
C LEU B 142 1.41 21.65 -18.81
N ARG B 143 1.89 21.21 -17.64
CA ARG B 143 1.15 20.20 -16.90
C ARG B 143 -0.19 20.76 -16.41
N ALA B 144 -0.20 22.00 -15.96
CA ALA B 144 -1.42 22.60 -15.43
C ALA B 144 -2.46 22.84 -16.51
N TRP B 145 -2.01 22.99 -17.76
CA TRP B 145 -2.92 23.17 -18.87
C TRP B 145 -3.83 21.96 -19.05
N GLU B 146 -3.33 20.77 -18.74
CA GLU B 146 -4.13 19.58 -18.96
C GLU B 146 -5.21 19.42 -17.92
N LYS B 147 -5.17 20.19 -16.85
CA LYS B 147 -6.16 20.07 -15.80
C LYS B 147 -7.36 20.97 -16.02
N ILE B 148 -7.45 21.65 -17.16
CA ILE B 148 -8.55 22.57 -17.38
C ILE B 148 -9.79 21.81 -17.82
N GLN B 149 -10.88 22.04 -17.11
CA GLN B 149 -12.13 21.29 -17.30
C GLN B 149 -12.83 21.71 -18.59
N ASP B 150 -13.64 20.79 -19.12
CA ASP B 150 -14.62 21.09 -20.15
C ASP B 150 -15.58 22.18 -19.68
N PRO B 151 -15.90 23.16 -20.53
CA PRO B 151 -17.03 24.05 -20.23
C PRO B 151 -18.36 23.33 -20.12
N GLY B 152 -18.52 22.18 -20.77
CA GLY B 152 -19.79 21.51 -20.74
C GLY B 152 -19.85 20.22 -19.94
N SER B 153 -18.82 19.92 -19.15
CA SER B 153 -18.83 18.70 -18.36
C SER B 153 -17.95 18.89 -17.13
N ALA B 154 -18.07 17.96 -16.19
CA ALA B 154 -17.24 17.87 -15.02
C ALA B 154 -16.18 16.79 -15.24
N CYS B 155 -15.43 16.47 -14.19
CA CYS B 155 -14.47 15.38 -14.26
C CYS B 155 -15.09 14.12 -13.68
N PRO B 156 -15.25 13.06 -14.46
CA PRO B 156 -15.87 11.84 -13.93
C PRO B 156 -14.84 10.92 -13.30
N SER B 157 -15.33 9.94 -12.55
CA SER B 157 -14.47 8.96 -11.94
C SER B 157 -14.31 7.77 -12.89
N PHE B 158 -13.68 6.70 -12.40
CA PHE B 158 -13.42 5.56 -13.27
C PHE B 158 -14.66 4.72 -13.49
N ASN B 159 -15.37 4.38 -12.43
CA ASN B 159 -16.55 3.56 -12.61
C ASN B 159 -17.78 4.36 -13.00
N THR B 160 -17.63 5.67 -13.21
CA THR B 160 -18.71 6.44 -13.80
C THR B 160 -18.87 6.14 -15.28
N VAL B 161 -17.77 5.86 -15.98
CA VAL B 161 -17.81 5.66 -17.42
C VAL B 161 -17.89 4.17 -17.71
N ARG B 162 -18.85 3.78 -18.55
CA ARG B 162 -19.10 2.40 -18.92
C ARG B 162 -19.53 2.37 -20.38
N GLN B 163 -18.94 1.49 -21.16
CA GLN B 163 -19.35 1.33 -22.55
C GLN B 163 -20.66 0.54 -22.60
N GLY B 164 -21.65 1.06 -23.32
CA GLY B 164 -22.94 0.43 -23.42
C GLY B 164 -23.14 -0.32 -24.72
N SER B 165 -24.41 -0.57 -25.03
CA SER B 165 -24.76 -1.13 -26.32
C SER B 165 -24.85 0.00 -27.33
N LYS B 166 -25.09 -0.39 -28.60
CA LYS B 166 -25.28 0.50 -29.79
C LYS B 166 -24.23 1.61 -29.91
N GLU B 167 -23.04 1.40 -29.36
CA GLU B 167 -21.97 2.38 -29.43
C GLU B 167 -20.77 1.78 -30.14
N PRO B 168 -19.95 2.60 -30.78
CA PRO B 168 -18.67 2.10 -31.29
C PRO B 168 -17.74 1.78 -30.14
N TYR B 169 -16.77 0.92 -30.43
CA TYR B 169 -15.74 0.62 -29.44
C TYR B 169 -14.74 1.77 -29.22
N PRO B 170 -13.96 2.21 -30.22
CA PRO B 170 -12.69 2.90 -29.88
C PRO B 170 -12.86 4.31 -29.37
N ASP B 171 -13.98 4.96 -29.69
CA ASP B 171 -14.30 6.24 -29.09
C ASP B 171 -14.44 6.15 -27.58
N PHE B 172 -14.94 5.02 -27.09
CA PHE B 172 -15.08 4.83 -25.65
C PHE B 172 -13.71 4.74 -24.97
N VAL B 173 -12.78 4.00 -25.57
CA VAL B 173 -11.45 3.95 -24.97
C VAL B 173 -10.71 5.26 -25.18
N ALA B 174 -11.08 6.03 -26.20
CA ALA B 174 -10.53 7.37 -26.33
C ALA B 174 -11.03 8.26 -25.21
N ARG B 175 -12.31 8.13 -24.85
CA ARG B 175 -12.84 8.87 -23.71
C ARG B 175 -12.17 8.44 -22.41
N LEU B 176 -11.82 7.16 -22.30
CA LEU B 176 -11.10 6.69 -21.13
C LEU B 176 -9.68 7.25 -21.10
N GLN B 177 -9.09 7.47 -22.27
CA GLN B 177 -7.77 8.07 -22.35
C GLN B 177 -7.75 9.49 -21.79
N ASP B 178 -8.87 10.23 -21.89
CA ASP B 178 -8.91 11.58 -21.32
C ASP B 178 -8.82 11.56 -19.81
N VAL B 179 -9.62 10.73 -19.14
CA VAL B 179 -9.59 10.74 -17.69
C VAL B 179 -8.29 10.12 -17.18
N ALA B 180 -7.72 9.19 -17.95
CA ALA B 180 -6.41 8.67 -17.59
C ALA B 180 -5.33 9.74 -17.73
N GLN B 181 -5.45 10.61 -18.72
CA GLN B 181 -4.50 11.71 -18.85
C GLN B 181 -4.74 12.78 -17.80
N LYS B 182 -5.97 12.90 -17.32
CA LYS B 182 -6.32 14.00 -16.43
C LYS B 182 -6.02 13.69 -14.96
N SER B 183 -6.57 12.62 -14.43
CA SER B 183 -6.57 12.48 -12.97
C SER B 183 -5.23 12.03 -12.42
N ILE B 184 -4.65 11.02 -13.00
CA ILE B 184 -3.39 10.48 -12.49
C ILE B 184 -2.26 11.40 -12.94
N ALA B 185 -1.21 11.47 -12.14
CA ALA B 185 -0.04 12.25 -12.52
C ALA B 185 1.00 11.43 -13.27
N ASP B 186 1.00 10.11 -13.12
CA ASP B 186 2.02 9.30 -13.76
C ASP B 186 1.68 9.09 -15.23
N GLU B 187 2.62 9.48 -16.09
CA GLU B 187 2.50 9.21 -17.51
C GLU B 187 2.60 7.74 -17.84
N LYS B 188 3.36 6.97 -17.05
CA LYS B 188 3.43 5.54 -17.27
C LYS B 188 2.17 4.82 -16.85
N ALA B 189 1.44 5.39 -15.88
CA ALA B 189 0.12 4.87 -15.55
C ALA B 189 -0.84 5.02 -16.72
N ARG B 190 -0.68 6.09 -17.50
CA ARG B 190 -1.47 6.26 -18.71
C ARG B 190 -1.15 5.20 -19.76
N LYS B 191 -0.01 4.52 -19.64
CA LYS B 191 0.24 3.35 -20.47
C LYS B 191 -0.30 2.09 -19.82
N VAL B 192 -0.09 1.92 -18.51
CA VAL B 192 -0.26 0.61 -17.91
C VAL B 192 -1.57 0.42 -17.17
N ILE B 193 -2.43 1.42 -17.10
CA ILE B 193 -3.68 1.28 -16.38
C ILE B 193 -4.86 1.26 -17.34
N VAL B 194 -4.68 1.81 -18.53
CA VAL B 194 -5.77 1.91 -19.49
C VAL B 194 -6.19 0.52 -19.98
N GLU B 195 -5.25 -0.39 -20.14
CA GLU B 195 -5.59 -1.70 -20.69
C GLU B 195 -6.32 -2.55 -19.67
N LEU B 196 -5.94 -2.47 -18.40
CA LEU B 196 -6.66 -3.19 -17.38
C LEU B 196 -8.01 -2.55 -17.11
N MET B 197 -8.08 -1.23 -17.27
CA MET B 197 -9.36 -0.54 -17.13
C MET B 197 -10.30 -0.85 -18.28
N ALA B 198 -9.74 -1.24 -19.44
CA ALA B 198 -10.53 -1.44 -20.64
C ALA B 198 -11.49 -2.61 -20.51
N TYR B 199 -11.03 -3.72 -19.94
CA TYR B 199 -11.87 -4.91 -19.86
C TYR B 199 -12.99 -4.77 -18.83
N GLU B 200 -12.94 -3.74 -17.99
CA GLU B 200 -13.87 -3.68 -16.88
C GLU B 200 -15.22 -3.12 -17.30
N ASN B 201 -15.23 -1.92 -17.85
CA ASN B 201 -16.49 -1.24 -18.15
C ASN B 201 -16.76 -1.14 -19.64
N ALA B 202 -16.32 -2.14 -20.39
CA ALA B 202 -16.73 -2.30 -21.77
C ALA B 202 -18.05 -3.07 -21.84
N ASN B 203 -18.61 -3.13 -23.05
CA ASN B 203 -19.78 -3.95 -23.27
C ASN B 203 -19.37 -5.42 -23.21
N PRO B 204 -20.28 -6.31 -22.80
CA PRO B 204 -19.92 -7.73 -22.70
C PRO B 204 -19.59 -8.39 -24.02
N GLU B 205 -20.10 -7.87 -25.13
CA GLU B 205 -19.89 -8.51 -26.42
C GLU B 205 -18.47 -8.31 -26.91
N CYS B 206 -17.96 -7.08 -26.84
CA CYS B 206 -16.54 -6.86 -27.07
C CYS B 206 -15.71 -7.50 -25.98
N GLN B 207 -16.24 -7.57 -24.75
CA GLN B 207 -15.53 -8.27 -23.69
C GLN B 207 -15.54 -9.77 -23.94
N SER B 208 -16.56 -10.26 -24.63
CA SER B 208 -16.50 -11.64 -25.10
C SER B 208 -15.50 -11.79 -26.23
N ALA B 209 -15.37 -10.75 -27.07
CA ALA B 209 -14.50 -10.84 -28.23
C ALA B 209 -13.03 -10.80 -27.83
N ILE B 210 -12.66 -9.91 -26.92
CA ILE B 210 -11.28 -9.72 -26.54
C ILE B 210 -10.76 -10.86 -25.67
N LYS B 211 -11.67 -11.63 -25.08
CA LYS B 211 -11.28 -12.63 -24.08
C LYS B 211 -10.41 -13.76 -24.62
N PRO B 212 -10.62 -14.32 -25.83
CA PRO B 212 -9.61 -15.25 -26.34
C PRO B 212 -8.28 -14.59 -26.66
N LEU B 213 -8.28 -13.32 -27.04
CA LEU B 213 -7.04 -12.61 -27.33
C LEU B 213 -6.51 -11.86 -26.13
N LYS B 214 -7.09 -12.08 -24.95
CA LYS B 214 -6.70 -11.35 -23.77
C LYS B 214 -5.29 -11.76 -23.32
N GLY B 215 -4.42 -10.78 -23.16
CA GLY B 215 -3.10 -11.00 -22.63
C GLY B 215 -2.15 -11.72 -23.56
N LYS B 216 -1.93 -11.17 -24.75
CA LYS B 216 -0.96 -11.73 -25.68
C LYS B 216 -0.46 -10.63 -26.60
N VAL B 217 0.71 -10.10 -26.32
CA VAL B 217 1.38 -9.13 -27.18
C VAL B 217 2.46 -9.86 -27.97
N PRO B 218 2.50 -9.71 -29.32
CA PRO B 218 3.49 -10.46 -30.10
C PRO B 218 4.93 -10.04 -29.85
N ALA B 219 5.28 -8.81 -30.20
CA ALA B 219 6.61 -8.24 -29.97
C ALA B 219 6.60 -6.73 -30.16
N GLY B 220 6.76 -5.97 -29.09
CA GLY B 220 6.92 -4.52 -29.13
C GLY B 220 5.81 -3.75 -29.80
N SER B 221 4.61 -4.30 -29.86
CA SER B 221 3.50 -3.70 -30.59
C SER B 221 2.48 -3.14 -29.61
N ASP B 222 1.60 -2.29 -30.12
CA ASP B 222 0.57 -1.69 -29.28
C ASP B 222 -0.50 -2.71 -28.97
N VAL B 223 -0.78 -2.91 -27.68
CA VAL B 223 -1.78 -3.89 -27.29
C VAL B 223 -3.18 -3.32 -27.54
N ILE B 224 -3.31 -2.00 -27.59
CA ILE B 224 -4.60 -1.36 -27.82
C ILE B 224 -5.04 -1.59 -29.26
N SER B 225 -4.08 -1.69 -30.18
CA SER B 225 -4.40 -1.87 -31.60
C SER B 225 -5.04 -3.21 -31.87
N GLU B 226 -4.50 -4.29 -31.33
CA GLU B 226 -5.15 -5.57 -31.49
C GLU B 226 -6.46 -5.64 -30.73
N TYR B 227 -6.56 -4.90 -29.62
CA TYR B 227 -7.80 -4.83 -28.87
C TYR B 227 -8.91 -4.21 -29.71
N VAL B 228 -8.61 -3.14 -30.44
CA VAL B 228 -9.66 -2.51 -31.22
C VAL B 228 -9.93 -3.29 -32.49
N LYS B 229 -8.90 -3.86 -33.12
CA LYS B 229 -9.15 -4.65 -34.32
C LYS B 229 -9.71 -6.02 -34.00
N ALA B 230 -9.85 -6.36 -32.72
CA ALA B 230 -10.65 -7.52 -32.36
C ALA B 230 -12.12 -7.32 -32.71
N CYS B 231 -12.75 -6.27 -32.19
CA CYS B 231 -14.21 -6.21 -32.28
C CYS B 231 -14.73 -4.99 -33.04
N ASP B 232 -14.16 -4.77 -34.22
CA ASP B 232 -14.56 -3.65 -35.08
C ASP B 232 -16.03 -3.70 -35.45
N GLY B 233 -16.49 -4.84 -35.93
CA GLY B 233 -17.77 -4.90 -36.60
C GLY B 233 -19.00 -4.98 -35.72
N ILE B 234 -18.97 -4.41 -34.52
CA ILE B 234 -20.19 -4.38 -33.73
C ILE B 234 -20.93 -3.08 -34.03
N GLY B 235 -21.63 -3.05 -35.15
CA GLY B 235 -22.38 -1.87 -35.54
C GLY B 235 -23.67 -2.25 -36.23
N GLY B 236 -23.97 -3.54 -36.22
CA GLY B 236 -25.15 -4.05 -36.89
C GLY B 236 -24.85 -5.21 -37.82
N PRO C 1 16.04 -32.50 -1.80
CA PRO C 1 17.22 -31.75 -1.35
C PRO C 1 18.52 -32.48 -1.67
N VAL C 2 19.57 -31.70 -1.95
CA VAL C 2 20.88 -32.25 -2.28
C VAL C 2 21.88 -31.76 -1.24
N THR C 3 23.04 -32.40 -1.19
CA THR C 3 24.03 -32.00 -0.21
C THR C 3 25.48 -32.36 -0.52
N LEU C 4 26.27 -31.33 -0.77
CA LEU C 4 27.70 -31.49 -1.01
C LEU C 4 28.09 -32.45 -2.12
N ALA C 23 25.22 -36.59 -5.91
CA ALA C 23 24.82 -36.17 -4.57
C ALA C 23 23.58 -36.92 -4.10
N ARG C 24 23.61 -37.37 -2.85
CA ARG C 24 22.48 -38.10 -2.27
C ARG C 24 21.24 -37.22 -2.17
N TYR C 25 20.11 -37.83 -2.46
CA TYR C 25 18.90 -37.10 -2.28
C TYR C 25 18.27 -37.62 -1.03
N LYS C 26 18.33 -36.80 -0.01
CA LYS C 26 17.66 -37.06 1.25
C LYS C 26 16.23 -36.52 1.15
N SER C 27 15.27 -37.32 1.58
CA SER C 27 13.88 -36.89 1.60
C SER C 27 13.63 -35.99 2.80
N PHE C 28 12.38 -35.56 2.96
CA PHE C 28 12.00 -34.81 4.15
C PHE C 28 11.67 -35.77 5.29
N SER C 29 11.48 -35.21 6.46
CA SER C 29 10.98 -36.00 7.57
C SER C 29 9.50 -36.29 7.36
N ILE C 30 9.01 -37.27 8.11
CA ILE C 30 7.57 -37.50 8.13
C ILE C 30 6.89 -36.38 8.88
N LYS C 31 7.51 -35.88 9.93
CA LYS C 31 6.97 -34.76 10.69
C LYS C 31 6.99 -33.46 9.90
N MET C 32 7.78 -33.38 8.84
CA MET C 32 7.86 -32.19 8.02
C MET C 32 6.59 -31.92 7.25
N LEU C 33 5.78 -32.95 7.01
CA LEU C 33 4.70 -32.82 6.05
C LEU C 33 3.31 -32.92 6.67
N LYS C 34 3.20 -33.52 7.85
CA LYS C 34 1.88 -33.69 8.46
C LYS C 34 1.32 -32.34 8.88
N ASP C 35 2.16 -31.48 9.45
CA ASP C 35 1.79 -30.12 9.75
C ASP C 35 1.43 -29.33 8.50
N MET C 36 2.12 -29.59 7.40
CA MET C 36 1.82 -28.90 6.15
C MET C 36 0.46 -29.30 5.62
N LYS C 37 0.15 -30.59 5.72
CA LYS C 37 -1.19 -31.05 5.38
C LYS C 37 -2.23 -30.54 6.36
N GLU C 38 -1.84 -30.30 7.61
CA GLU C 38 -2.75 -29.75 8.60
C GLU C 38 -3.12 -28.31 8.27
N GLY C 39 -2.13 -27.52 7.86
CA GLY C 39 -2.34 -26.10 7.70
C GLY C 39 -3.24 -25.75 6.52
N VAL C 40 -3.19 -26.53 5.44
CA VAL C 40 -4.04 -26.22 4.31
C VAL C 40 -5.51 -26.47 4.60
N LYS C 41 -5.84 -27.55 5.30
CA LYS C 41 -7.24 -27.73 5.66
C LYS C 41 -7.63 -26.79 6.79
N GLN C 42 -6.67 -26.38 7.61
CA GLN C 42 -7.02 -25.51 8.72
C GLN C 42 -7.25 -24.08 8.30
N TYR C 43 -6.50 -23.58 7.32
CA TYR C 43 -6.62 -22.18 6.92
C TYR C 43 -6.78 -21.97 5.43
N GLY C 44 -6.18 -22.78 4.57
CA GLY C 44 -6.25 -22.56 3.15
C GLY C 44 -4.90 -22.56 2.47
N PRO C 45 -4.90 -22.30 1.18
CA PRO C 45 -3.65 -22.41 0.41
C PRO C 45 -2.83 -21.15 0.46
N ASN C 46 -3.47 -20.01 0.68
CA ASN C 46 -2.73 -18.76 0.73
C ASN C 46 -3.03 -17.98 2.00
N SER C 47 -2.91 -18.66 3.14
CA SER C 47 -2.75 -17.95 4.39
C SER C 47 -1.42 -17.21 4.36
N PRO C 48 -1.31 -16.11 5.10
CA PRO C 48 0.02 -15.51 5.30
C PRO C 48 0.95 -16.41 6.07
N TYR C 49 0.42 -17.31 6.88
CA TYR C 49 1.26 -18.20 7.67
C TYR C 49 2.03 -19.17 6.78
N MET C 50 1.34 -19.88 5.90
CA MET C 50 2.06 -20.79 5.02
C MET C 50 2.82 -20.06 3.94
N ARG C 51 2.44 -18.81 3.65
CA ARG C 51 3.19 -17.99 2.71
C ARG C 51 4.62 -17.77 3.18
N THR C 52 4.77 -17.45 4.47
CA THR C 52 6.12 -17.35 5.01
C THR C 52 6.66 -18.69 5.46
N LEU C 53 5.83 -19.74 5.49
CA LEU C 53 6.38 -21.05 5.80
C LEU C 53 7.06 -21.68 4.60
N LEU C 54 6.55 -21.43 3.40
CA LEU C 54 7.03 -22.13 2.22
C LEU C 54 8.41 -21.64 1.81
N ASP C 55 8.58 -20.33 1.71
CA ASP C 55 9.86 -19.77 1.28
C ASP C 55 10.96 -19.97 2.30
N SER C 56 10.60 -20.19 3.56
CA SER C 56 11.59 -20.58 4.55
C SER C 56 12.25 -21.90 4.19
N ILE C 57 11.46 -22.89 3.78
CA ILE C 57 12.03 -24.15 3.31
C ILE C 57 12.75 -23.94 2.00
N ALA C 58 12.20 -23.08 1.14
CA ALA C 58 12.77 -22.84 -0.17
C ALA C 58 14.11 -22.12 -0.10
N HIS C 59 14.36 -21.39 0.98
CA HIS C 59 15.60 -20.64 1.13
C HIS C 59 16.51 -21.21 2.21
N GLY C 60 16.05 -22.23 2.95
CA GLY C 60 16.93 -22.99 3.79
C GLY C 60 17.37 -24.29 3.18
N HIS C 61 16.74 -24.71 2.09
CA HIS C 61 17.16 -25.91 1.39
C HIS C 61 17.38 -25.55 -0.07
N ARG C 62 17.57 -26.57 -0.90
CA ARG C 62 17.86 -26.40 -2.32
C ARG C 62 17.18 -27.54 -3.06
N LEU C 63 16.21 -27.20 -3.91
CA LEU C 63 15.19 -28.16 -4.32
C LEU C 63 15.27 -28.46 -5.81
N ILE C 64 14.73 -29.63 -6.18
CA ILE C 64 14.60 -30.04 -7.57
C ILE C 64 13.10 -30.01 -7.88
N PRO C 65 12.67 -29.99 -9.15
CA PRO C 65 11.23 -29.95 -9.44
C PRO C 65 10.45 -31.17 -8.97
N TYR C 66 11.10 -32.32 -8.80
CA TYR C 66 10.38 -33.48 -8.30
C TYR C 66 10.00 -33.33 -6.84
N ASP C 67 10.72 -32.48 -6.09
CA ASP C 67 10.35 -32.21 -4.71
C ASP C 67 9.02 -31.49 -4.65
N TRP C 68 8.80 -30.56 -5.57
CA TRP C 68 7.52 -29.85 -5.61
C TRP C 68 6.42 -30.76 -6.08
N GLU C 69 6.74 -31.69 -6.99
CA GLU C 69 5.82 -32.74 -7.40
C GLU C 69 5.39 -33.57 -6.20
N ILE C 70 6.31 -33.84 -5.29
CA ILE C 70 5.97 -34.52 -4.06
C ILE C 70 5.09 -33.63 -3.18
N LEU C 71 5.51 -32.38 -3.00
CA LEU C 71 4.96 -31.55 -1.94
C LEU C 71 3.54 -31.09 -2.25
N ALA C 72 3.27 -30.79 -3.51
CA ALA C 72 1.93 -30.33 -3.87
C ALA C 72 0.95 -31.48 -3.87
N LYS C 73 1.34 -32.61 -4.47
CA LYS C 73 0.47 -33.79 -4.51
C LYS C 73 0.24 -34.37 -3.13
N SER C 74 1.15 -34.15 -2.18
CA SER C 74 0.91 -34.62 -0.84
C SER C 74 -0.03 -33.72 -0.07
N SER C 75 -0.30 -32.52 -0.57
CA SER C 75 -0.92 -31.51 0.26
C SER C 75 -2.25 -30.96 -0.26
N LEU C 76 -2.39 -30.74 -1.55
CA LEU C 76 -3.56 -30.00 -2.01
C LEU C 76 -4.78 -30.89 -2.11
N SER C 77 -5.90 -30.31 -2.52
CA SER C 77 -7.05 -31.11 -2.94
C SER C 77 -6.84 -31.53 -4.39
N PRO C 78 -7.63 -32.50 -4.87
CA PRO C 78 -7.61 -32.79 -6.31
C PRO C 78 -7.98 -31.61 -7.18
N SER C 79 -8.86 -30.73 -6.71
CA SER C 79 -9.20 -29.56 -7.51
C SER C 79 -8.06 -28.56 -7.53
N GLN C 80 -7.32 -28.46 -6.43
CA GLN C 80 -6.25 -27.47 -6.37
C GLN C 80 -5.02 -27.92 -7.13
N PHE C 81 -4.74 -29.22 -7.08
CA PHE C 81 -3.49 -29.74 -7.62
C PHE C 81 -3.44 -29.63 -9.13
N LEU C 82 -4.59 -29.80 -9.77
CA LEU C 82 -4.65 -29.66 -11.21
C LEU C 82 -4.43 -28.22 -11.64
N GLN C 83 -4.95 -27.26 -10.86
CA GLN C 83 -4.71 -25.85 -11.16
C GLN C 83 -3.24 -25.51 -10.99
N PHE C 84 -2.61 -26.09 -9.97
CA PHE C 84 -1.19 -25.87 -9.75
C PHE C 84 -0.37 -26.41 -10.93
N LYS C 85 -0.67 -27.63 -11.35
CA LYS C 85 0.02 -28.21 -12.50
C LYS C 85 -0.26 -27.43 -13.78
N THR C 86 -1.45 -26.83 -13.87
CA THR C 86 -1.81 -26.05 -15.04
C THR C 86 -0.97 -24.79 -15.16
N TRP C 87 -0.91 -24.00 -14.09
CA TRP C 87 -0.13 -22.77 -14.17
C TRP C 87 1.36 -23.01 -14.16
N TRP C 88 1.79 -24.15 -13.59
CA TRP C 88 3.21 -24.47 -13.53
C TRP C 88 3.81 -24.62 -14.91
N ILE C 89 3.15 -25.39 -15.78
CA ILE C 89 3.64 -25.49 -17.15
C ILE C 89 3.38 -24.23 -17.95
N ASP C 90 2.44 -23.39 -17.50
CA ASP C 90 2.10 -22.20 -18.27
C ASP C 90 3.20 -21.16 -18.14
N GLY C 91 3.79 -21.04 -16.95
CA GLY C 91 4.89 -20.09 -16.77
C GLY C 91 6.15 -20.43 -17.55
N VAL C 92 6.31 -21.70 -17.93
CA VAL C 92 7.49 -22.14 -18.67
C VAL C 92 7.55 -21.48 -20.04
N GLN C 93 6.38 -21.22 -20.64
CA GLN C 93 6.34 -20.61 -21.96
C GLN C 93 6.81 -19.16 -21.92
N GLU C 94 6.46 -18.45 -20.86
CA GLU C 94 6.98 -17.09 -20.70
C GLU C 94 8.46 -17.11 -20.36
N GLN C 95 8.91 -18.12 -19.63
CA GLN C 95 10.32 -18.11 -19.22
C GLN C 95 11.24 -18.51 -20.37
N VAL C 96 10.82 -19.46 -21.20
CA VAL C 96 11.75 -20.05 -22.16
C VAL C 96 12.00 -19.08 -23.31
N ARG C 97 11.06 -18.18 -23.59
CA ARG C 97 11.30 -17.14 -24.57
C ARG C 97 12.37 -16.16 -24.08
N ARG C 98 12.38 -15.89 -22.78
CA ARG C 98 13.43 -15.08 -22.21
C ARG C 98 14.76 -15.81 -22.22
N ASN C 99 14.73 -17.12 -22.01
CA ASN C 99 15.97 -17.87 -21.95
C ASN C 99 16.60 -18.06 -23.32
N ARG C 100 15.79 -18.12 -24.38
CA ARG C 100 16.38 -18.40 -25.70
C ARG C 100 17.04 -17.19 -26.32
N ALA C 101 16.50 -15.99 -26.09
CA ALA C 101 16.98 -14.79 -26.76
C ALA C 101 17.95 -13.98 -25.90
N ALA C 102 18.48 -14.57 -24.84
CA ALA C 102 19.43 -13.86 -24.00
C ALA C 102 20.76 -13.72 -24.72
N ASN C 103 21.60 -12.82 -24.20
CA ASN C 103 22.94 -12.61 -24.74
C ASN C 103 23.94 -12.78 -23.60
N PRO C 104 24.59 -13.95 -23.48
CA PRO C 104 24.57 -15.14 -24.35
C PRO C 104 23.31 -16.00 -24.17
N PRO C 105 22.90 -16.69 -25.23
CA PRO C 105 21.74 -17.59 -25.10
C PRO C 105 22.10 -18.83 -24.27
N VAL C 106 21.24 -19.14 -23.32
CA VAL C 106 21.45 -20.29 -22.45
C VAL C 106 20.83 -21.52 -23.10
N ASN C 107 21.40 -22.69 -22.82
CA ASN C 107 20.94 -23.95 -23.40
C ASN C 107 20.14 -24.75 -22.37
N ILE C 108 18.91 -24.30 -22.14
CA ILE C 108 17.98 -25.00 -21.26
C ILE C 108 16.62 -25.01 -21.93
N ASP C 109 16.06 -26.21 -22.13
CA ASP C 109 14.85 -26.40 -22.91
C ASP C 109 13.63 -26.57 -22.01
N ALA C 110 12.53 -27.02 -22.63
CA ALA C 110 11.25 -27.09 -21.93
C ALA C 110 11.24 -28.19 -20.87
N ASP C 111 11.52 -29.43 -21.27
CA ASP C 111 11.32 -30.55 -20.36
C ASP C 111 12.37 -30.62 -19.26
N GLN C 112 13.47 -29.88 -19.38
CA GLN C 112 14.39 -29.71 -18.26
C GLN C 112 13.70 -28.99 -17.10
N LEU C 113 12.77 -28.08 -17.41
CA LEU C 113 11.99 -27.44 -16.36
C LEU C 113 11.00 -28.42 -15.74
N LEU C 114 10.29 -29.17 -16.56
CA LEU C 114 9.20 -29.99 -16.05
C LEU C 114 9.66 -31.33 -15.49
N GLY C 115 10.94 -31.68 -15.65
CA GLY C 115 11.41 -32.94 -15.11
C GLY C 115 10.92 -34.15 -15.86
N ILE C 116 10.48 -33.96 -17.09
CA ILE C 116 9.97 -35.04 -17.92
C ILE C 116 11.01 -35.26 -19.01
N GLY C 117 10.91 -36.39 -19.69
CA GLY C 117 11.83 -36.71 -20.76
C GLY C 117 12.88 -37.69 -20.29
N GLN C 118 13.78 -38.02 -21.22
CA GLN C 118 14.75 -39.07 -20.95
C GLN C 118 15.86 -38.63 -20.02
N ASN C 119 16.15 -37.33 -19.97
CA ASN C 119 17.31 -36.85 -19.24
C ASN C 119 16.96 -36.12 -17.95
N TRP C 120 15.67 -36.06 -17.56
CA TRP C 120 15.32 -35.29 -16.39
C TRP C 120 14.28 -35.98 -15.50
N SER C 121 14.05 -37.28 -15.66
CA SER C 121 12.94 -37.94 -14.98
C SER C 121 13.39 -38.93 -13.91
N THR C 122 14.68 -38.98 -13.57
CA THR C 122 15.13 -39.80 -12.47
C THR C 122 15.78 -38.92 -11.41
N ILE C 123 15.86 -39.48 -10.20
CA ILE C 123 16.49 -38.79 -9.08
C ILE C 123 18.00 -38.68 -9.31
N SER C 124 18.57 -39.67 -10.00
CA SER C 124 19.98 -39.60 -10.36
C SER C 124 20.24 -38.50 -11.38
N GLN C 125 19.26 -38.24 -12.26
CA GLN C 125 19.42 -37.17 -13.23
C GLN C 125 19.40 -35.81 -12.56
N GLN C 126 18.40 -35.55 -11.72
CA GLN C 126 18.18 -34.21 -11.18
C GLN C 126 19.20 -33.83 -10.12
N ALA C 127 20.08 -34.74 -9.71
CA ALA C 127 21.21 -34.39 -8.86
C ALA C 127 22.35 -33.75 -9.63
N LEU C 128 22.21 -33.56 -10.93
CA LEU C 128 23.28 -33.11 -11.80
C LEU C 128 22.92 -31.80 -12.49
N MET C 129 22.38 -30.85 -11.74
CA MET C 129 21.96 -29.57 -12.30
C MET C 129 22.75 -28.43 -11.69
N GLN C 130 22.87 -27.35 -12.46
CA GLN C 130 23.64 -26.19 -12.07
C GLN C 130 22.79 -25.23 -11.25
N ASN C 131 23.42 -24.15 -10.78
CA ASN C 131 22.73 -23.18 -9.93
C ASN C 131 21.67 -22.42 -10.70
N GLU C 132 21.97 -22.02 -11.94
CA GLU C 132 21.15 -21.05 -12.65
C GLU C 132 19.83 -21.61 -13.12
N ALA C 133 19.60 -22.91 -13.00
CA ALA C 133 18.26 -23.43 -13.22
C ALA C 133 17.39 -23.25 -12.00
N ILE C 134 17.99 -23.31 -10.80
CA ILE C 134 17.25 -23.59 -9.57
C ILE C 134 16.38 -22.40 -9.19
N GLU C 135 16.93 -21.20 -9.32
CA GLU C 135 16.21 -20.00 -8.90
C GLU C 135 15.04 -19.70 -9.81
N GLN C 136 15.15 -20.08 -11.09
CA GLN C 136 14.01 -19.93 -11.99
C GLN C 136 12.88 -20.86 -11.58
N VAL C 137 13.22 -22.07 -11.15
CA VAL C 137 12.22 -23.00 -10.63
C VAL C 137 11.57 -22.44 -9.37
N ARG C 138 12.38 -21.83 -8.49
CA ARG C 138 11.83 -21.25 -7.27
C ARG C 138 10.90 -20.08 -7.57
N ALA C 139 11.32 -19.20 -8.48
CA ALA C 139 10.53 -18.03 -8.81
C ALA C 139 9.24 -18.42 -9.53
N ILE C 140 9.28 -19.45 -10.37
CA ILE C 140 8.06 -19.84 -11.05
C ILE C 140 7.14 -20.60 -10.10
N CYS C 141 7.73 -21.32 -9.12
CA CYS C 141 6.90 -22.11 -8.23
C CYS C 141 6.21 -21.25 -7.21
N LEU C 142 6.83 -20.14 -6.82
CA LEU C 142 6.17 -19.20 -5.91
C LEU C 142 4.95 -18.59 -6.56
N ARG C 143 5.06 -18.18 -7.83
CA ARG C 143 3.92 -17.61 -8.53
C ARG C 143 2.85 -18.65 -8.78
N ALA C 144 3.28 -19.89 -9.03
CA ALA C 144 2.35 -20.99 -9.18
C ALA C 144 1.57 -21.23 -7.89
N TRP C 145 2.27 -21.22 -6.75
CA TRP C 145 1.60 -21.39 -5.48
C TRP C 145 0.71 -20.20 -5.17
N GLU C 146 1.05 -19.03 -5.66
CA GLU C 146 0.19 -17.89 -5.40
C GLU C 146 -1.06 -17.90 -6.27
N LYS C 147 -1.01 -18.48 -7.46
CA LYS C 147 -2.15 -18.36 -8.35
C LYS C 147 -3.28 -19.34 -8.07
N ILE C 148 -3.27 -20.03 -6.94
CA ILE C 148 -4.28 -21.04 -6.69
C ILE C 148 -5.57 -20.36 -6.24
N GLN C 149 -6.71 -20.89 -6.68
CA GLN C 149 -8.00 -20.45 -6.19
C GLN C 149 -8.49 -21.35 -5.07
N ASP C 150 -9.11 -20.75 -4.06
CA ASP C 150 -9.71 -21.51 -2.96
C ASP C 150 -10.93 -22.28 -3.46
N PRO C 151 -11.20 -23.46 -2.90
CA PRO C 151 -12.38 -24.24 -3.33
C PRO C 151 -13.72 -23.75 -2.80
N GLY C 152 -13.80 -22.54 -2.24
CA GLY C 152 -15.11 -22.02 -1.88
C GLY C 152 -15.88 -21.50 -3.08
N SER C 153 -15.20 -20.78 -3.97
CA SER C 153 -15.79 -20.19 -5.16
C SER C 153 -14.67 -19.93 -6.16
N ALA C 154 -14.94 -19.10 -7.16
CA ALA C 154 -13.92 -18.64 -8.07
C ALA C 154 -13.44 -17.26 -7.64
N CYS C 155 -12.55 -16.68 -8.44
CA CYS C 155 -12.05 -15.34 -8.17
C CYS C 155 -12.96 -14.32 -8.84
N PRO C 156 -13.53 -13.37 -8.11
CA PRO C 156 -14.42 -12.38 -8.72
C PRO C 156 -13.63 -11.35 -9.50
N SER C 157 -14.36 -10.42 -10.12
CA SER C 157 -13.74 -9.39 -10.92
C SER C 157 -13.37 -8.20 -10.04
N PHE C 158 -13.00 -7.10 -10.67
CA PHE C 158 -12.55 -5.93 -9.93
C PHE C 158 -13.74 -5.15 -9.38
N ASN C 159 -14.62 -4.69 -10.26
CA ASN C 159 -15.75 -3.89 -9.83
C ASN C 159 -16.92 -4.73 -9.33
N THR C 160 -16.76 -6.05 -9.21
CA THR C 160 -17.81 -6.84 -8.56
C THR C 160 -17.79 -6.65 -7.06
N VAL C 161 -16.66 -6.21 -6.50
CA VAL C 161 -16.50 -6.05 -5.06
C VAL C 161 -15.98 -4.66 -4.75
N ARG C 162 -16.65 -3.96 -3.85
CA ARG C 162 -16.21 -2.66 -3.35
C ARG C 162 -16.47 -2.63 -1.85
N GLN C 163 -16.23 -1.47 -1.24
CA GLN C 163 -16.41 -1.33 0.20
C GLN C 163 -17.89 -1.31 0.56
N GLY C 164 -18.26 -2.13 1.53
CA GLY C 164 -19.64 -2.26 1.90
C GLY C 164 -20.14 -1.13 2.79
N SER C 165 -21.46 -1.06 2.91
CA SER C 165 -22.12 -0.03 3.69
C SER C 165 -22.24 -0.47 5.15
N LYS C 166 -21.99 0.47 6.07
CA LYS C 166 -21.90 0.23 7.52
C LYS C 166 -20.89 -0.86 7.83
N GLU C 167 -19.77 -0.84 7.12
CA GLU C 167 -18.72 -1.83 7.20
C GLU C 167 -17.41 -1.16 7.57
N PRO C 168 -16.46 -1.90 8.14
CA PRO C 168 -15.14 -1.31 8.42
C PRO C 168 -14.42 -0.98 7.13
N TYR C 169 -13.52 -0.01 7.24
CA TYR C 169 -12.68 0.34 6.11
C TYR C 169 -11.52 -0.63 5.86
N PRO C 170 -10.55 -0.82 6.78
CA PRO C 170 -9.27 -1.40 6.34
C PRO C 170 -9.31 -2.89 6.11
N ASP C 171 -10.41 -3.56 6.42
CA ASP C 171 -10.54 -4.96 6.09
C ASP C 171 -10.84 -5.16 4.61
N PHE C 172 -11.66 -4.29 4.03
CA PHE C 172 -12.04 -4.48 2.64
C PHE C 172 -10.95 -4.08 1.68
N VAL C 173 -10.05 -3.19 2.09
CA VAL C 173 -8.94 -2.85 1.21
C VAL C 173 -7.90 -3.96 1.21
N ALA C 174 -7.94 -4.84 2.20
CA ALA C 174 -7.09 -6.03 2.15
C ALA C 174 -7.55 -7.00 1.07
N ARG C 175 -8.82 -6.93 0.70
CA ARG C 175 -9.35 -7.79 -0.35
C ARG C 175 -8.93 -7.37 -1.75
N LEU C 176 -8.02 -6.40 -1.88
CA LEU C 176 -7.56 -5.99 -3.19
C LEU C 176 -6.15 -6.47 -3.52
N GLN C 177 -5.26 -6.55 -2.52
CA GLN C 177 -3.87 -6.86 -2.83
C GLN C 177 -3.72 -8.31 -3.24
N ASP C 178 -4.57 -9.18 -2.69
CA ASP C 178 -4.57 -10.59 -3.05
C ASP C 178 -4.97 -10.80 -4.51
N VAL C 179 -6.03 -10.13 -4.96
CA VAL C 179 -6.42 -10.30 -6.35
C VAL C 179 -5.48 -9.53 -7.26
N ALA C 180 -4.76 -8.54 -6.72
CA ALA C 180 -3.70 -7.90 -7.47
C ALA C 180 -2.55 -8.85 -7.75
N GLN C 181 -2.06 -9.54 -6.72
CA GLN C 181 -1.03 -10.54 -6.91
C GLN C 181 -1.53 -11.71 -7.74
N LYS C 182 -2.83 -11.99 -7.69
CA LYS C 182 -3.40 -13.06 -8.48
C LYS C 182 -3.43 -12.70 -9.96
N SER C 183 -4.03 -11.57 -10.31
CA SER C 183 -4.34 -11.28 -11.70
C SER C 183 -3.30 -10.44 -12.41
N ILE C 184 -2.31 -9.90 -11.70
CA ILE C 184 -1.31 -9.04 -12.30
C ILE C 184 0.06 -9.69 -12.15
N ALA C 185 0.86 -9.62 -13.21
CA ALA C 185 2.20 -10.17 -13.18
C ALA C 185 3.21 -9.18 -12.60
N ASP C 186 3.25 -7.96 -13.13
CA ASP C 186 4.30 -7.01 -12.77
C ASP C 186 4.07 -6.46 -11.37
N GLU C 187 5.15 -6.43 -10.59
CA GLU C 187 5.08 -6.18 -9.15
C GLU C 187 4.76 -4.72 -8.85
N LYS C 188 5.47 -3.79 -9.48
CA LYS C 188 5.20 -2.38 -9.21
C LYS C 188 3.92 -1.91 -9.88
N ALA C 189 3.39 -2.67 -10.83
CA ALA C 189 2.04 -2.38 -11.31
C ALA C 189 1.01 -2.70 -10.23
N ARG C 190 1.26 -3.74 -9.43
CA ARG C 190 0.35 -4.08 -8.36
C ARG C 190 0.33 -2.99 -7.29
N LYS C 191 1.48 -2.43 -6.96
CA LYS C 191 1.54 -1.43 -5.93
C LYS C 191 0.97 -0.08 -6.37
N VAL C 192 0.65 0.07 -7.65
CA VAL C 192 0.08 1.31 -8.13
C VAL C 192 -1.38 1.15 -8.55
N ILE C 193 -1.83 -0.06 -8.87
CA ILE C 193 -3.23 -0.21 -9.25
C ILE C 193 -4.14 -0.07 -8.03
N VAL C 194 -3.64 -0.43 -6.85
CA VAL C 194 -4.52 -0.68 -5.71
C VAL C 194 -5.04 0.63 -5.14
N GLU C 195 -4.18 1.61 -4.94
CA GLU C 195 -4.63 2.86 -4.37
C GLU C 195 -5.38 3.69 -5.39
N LEU C 196 -5.11 3.51 -6.68
CA LEU C 196 -5.89 4.15 -7.70
C LEU C 196 -7.19 3.41 -7.97
N MET C 197 -7.39 2.28 -7.32
CA MET C 197 -8.71 1.67 -7.27
C MET C 197 -9.35 1.78 -5.89
N ALA C 198 -8.62 2.34 -4.92
CA ALA C 198 -9.06 2.34 -3.53
C ALA C 198 -10.32 3.15 -3.26
N TYR C 199 -10.26 4.47 -3.45
CA TYR C 199 -11.38 5.31 -3.06
C TYR C 199 -12.30 5.61 -4.22
N GLU C 200 -12.28 4.78 -5.26
CA GLU C 200 -12.97 5.12 -6.48
C GLU C 200 -14.44 4.70 -6.44
N ASN C 201 -14.74 3.57 -5.78
CA ASN C 201 -16.11 3.27 -5.41
C ASN C 201 -16.10 2.80 -3.97
N ALA C 202 -15.49 3.59 -3.09
CA ALA C 202 -15.45 3.28 -1.68
C ALA C 202 -16.67 3.87 -0.98
N ASN C 203 -16.67 3.87 0.34
CA ASN C 203 -17.81 4.42 1.07
C ASN C 203 -17.76 5.93 1.01
N PRO C 204 -18.83 6.58 0.52
CA PRO C 204 -18.73 8.00 0.17
C PRO C 204 -18.64 8.91 1.37
N GLU C 205 -19.21 8.52 2.50
CA GLU C 205 -19.02 9.27 3.73
C GLU C 205 -17.56 9.22 4.15
N CYS C 206 -16.91 8.08 3.97
CA CYS C 206 -15.48 8.01 4.18
C CYS C 206 -14.71 8.74 3.08
N GLN C 207 -15.25 8.77 1.86
CA GLN C 207 -14.61 9.50 0.77
C GLN C 207 -14.53 10.99 1.04
N SER C 208 -15.44 11.53 1.85
CA SER C 208 -15.36 12.93 2.24
C SER C 208 -14.07 13.22 2.99
N ALA C 209 -13.74 12.39 3.97
CA ALA C 209 -12.47 12.56 4.66
C ALA C 209 -11.30 12.15 3.80
N ILE C 210 -11.50 11.21 2.89
CA ILE C 210 -10.39 10.70 2.09
C ILE C 210 -9.94 11.68 1.00
N LYS C 211 -10.90 12.35 0.36
CA LYS C 211 -10.64 13.23 -0.79
C LYS C 211 -9.56 14.32 -0.60
N PRO C 212 -9.47 15.06 0.50
CA PRO C 212 -8.42 16.09 0.58
C PRO C 212 -7.03 15.57 0.86
N LEU C 213 -6.77 14.27 0.74
CA LEU C 213 -5.47 13.72 1.04
C LEU C 213 -4.69 13.31 -0.19
N LYS C 214 -5.21 13.60 -1.38
CA LYS C 214 -4.60 13.14 -2.61
C LYS C 214 -3.33 13.91 -2.91
N GLY C 215 -2.26 13.18 -3.24
CA GLY C 215 -1.00 13.79 -3.60
C GLY C 215 -0.15 14.20 -2.43
N LYS C 216 -0.59 13.98 -1.20
CA LYS C 216 0.16 14.36 -0.01
C LYS C 216 0.98 13.16 0.44
N VAL C 217 1.98 12.80 -0.35
CA VAL C 217 2.89 11.72 0.03
C VAL C 217 4.32 12.27 0.06
N PRO C 218 4.98 12.22 1.20
CA PRO C 218 6.33 12.83 1.28
C PRO C 218 7.41 12.11 0.48
N ALA C 219 7.75 10.87 0.86
CA ALA C 219 8.83 10.14 0.20
C ALA C 219 8.76 8.68 0.65
N GLY C 220 8.54 7.79 -0.30
CA GLY C 220 8.71 6.35 -0.07
C GLY C 220 7.82 5.74 0.98
N SER C 221 6.56 6.14 1.03
CA SER C 221 5.61 5.62 2.01
C SER C 221 4.34 5.15 1.31
N ASP C 222 3.59 4.32 2.02
CA ASP C 222 2.30 3.89 1.52
C ASP C 222 1.29 5.01 1.65
N VAL C 223 0.66 5.36 0.54
CA VAL C 223 -0.44 6.32 0.58
C VAL C 223 -1.66 5.73 1.27
N ILE C 224 -1.82 4.40 1.19
CA ILE C 224 -2.91 3.72 1.85
C ILE C 224 -2.78 3.76 3.36
N SER C 225 -1.55 3.95 3.85
CA SER C 225 -1.31 4.05 5.28
C SER C 225 -1.98 5.27 5.86
N GLU C 226 -1.79 6.42 5.24
CA GLU C 226 -2.46 7.62 5.71
C GLU C 226 -3.94 7.58 5.41
N TYR C 227 -4.36 6.81 4.40
CA TYR C 227 -5.78 6.60 4.13
C TYR C 227 -6.46 5.93 5.32
N VAL C 228 -5.92 4.80 5.78
CA VAL C 228 -6.55 4.15 6.92
C VAL C 228 -6.23 4.88 8.22
N LYS C 229 -5.19 5.71 8.23
CA LYS C 229 -4.97 6.59 9.37
C LYS C 229 -6.11 7.58 9.50
N ALA C 230 -6.51 8.18 8.39
CA ALA C 230 -7.60 9.14 8.37
C ALA C 230 -8.92 8.44 8.69
N CYS C 231 -9.21 7.36 7.98
CA CYS C 231 -10.48 6.67 8.18
C CYS C 231 -10.43 5.93 9.50
N ASP C 232 -11.06 6.49 10.52
CA ASP C 232 -11.07 5.88 11.84
C ASP C 232 -11.99 4.66 11.86
N GLY C 233 -13.11 4.74 11.17
CA GLY C 233 -14.12 3.71 11.24
C GLY C 233 -15.37 4.22 11.90
N ILE C 234 -16.48 4.18 11.17
CA ILE C 234 -17.76 4.72 11.63
C ILE C 234 -18.80 3.61 11.82
N GLY C 235 -18.58 2.46 11.18
CA GLY C 235 -19.57 1.40 11.21
C GLY C 235 -19.69 0.72 12.56
N GLY C 236 -20.89 0.22 12.83
CA GLY C 236 -21.17 -0.45 14.08
C GLY C 236 -21.45 0.52 15.20
#